data_9J1T
# 
_entry.id   9J1T 
# 
_audit_conform.dict_name       mmcif_pdbx.dic 
_audit_conform.dict_version    5.395 
_audit_conform.dict_location   http://mmcif.pdb.org/dictionaries/ascii/mmcif_pdbx.dic 
# 
loop_
_database_2.database_id 
_database_2.database_code 
_database_2.pdbx_database_accession 
_database_2.pdbx_DOI 
PDB   9J1T         pdb_00009j1t 10.2210/pdb9j1t/pdb 
WWPDB D_1300049621 ?            ?                   
# 
_pdbx_audit_revision_history.ordinal             1 
_pdbx_audit_revision_history.data_content_type   'Structure model' 
_pdbx_audit_revision_history.major_revision      1 
_pdbx_audit_revision_history.minor_revision      0 
_pdbx_audit_revision_history.revision_date       2024-08-21 
# 
_pdbx_audit_revision_details.ordinal             1 
_pdbx_audit_revision_details.revision_ordinal    1 
_pdbx_audit_revision_details.data_content_type   'Structure model' 
_pdbx_audit_revision_details.provider            repository 
_pdbx_audit_revision_details.type                'Initial release' 
_pdbx_audit_revision_details.description         ? 
_pdbx_audit_revision_details.details             ? 
# 
_pdbx_database_status.status_code                     REL 
_pdbx_database_status.status_code_sf                  REL 
_pdbx_database_status.status_code_mr                  ? 
_pdbx_database_status.entry_id                        9J1T 
_pdbx_database_status.recvd_initial_deposition_date   2024-08-05 
_pdbx_database_status.SG_entry                        N 
_pdbx_database_status.deposit_site                    PDBJ 
_pdbx_database_status.process_site                    PDBC 
_pdbx_database_status.status_code_cs                  ? 
_pdbx_database_status.status_code_nmr_data            ? 
_pdbx_database_status.methods_development_category    ? 
_pdbx_database_status.pdb_format_compatible           Y 
# 
_pdbx_contact_author.id                 2 
_pdbx_contact_author.email              fanxiaoju@trautec.com.cn 
_pdbx_contact_author.name_first         Xiaoju 
_pdbx_contact_author.name_last          Fan 
_pdbx_contact_author.name_mi            ? 
_pdbx_contact_author.role               'principal investigator/group leader' 
_pdbx_contact_author.identifier_ORCID   0000-0002-7662-6945 
# 
loop_
_audit_author.name 
_audit_author.pdbx_ordinal 
_audit_author.identifier_ORCID 
'Fan, X.'  1  ? 
'Chu, Y.'  2  ? 
'Zhai, Y.' 3  ? 
'Fu, S.'   4  ? 
'Li, D.'   5  ? 
'Feng, P.' 6  ? 
'Cao, K.'  7  ? 
'Wu, X.'   8  ? 
'Cai, H.'  9  ? 
'Wang, H.' 10 ? 
'Qian, S.' 11 ? 
# 
_citation.abstract                  ? 
_citation.abstract_id_CAS           ? 
_citation.book_id_ISBN              ? 
_citation.book_publisher            ? 
_citation.book_publisher_city       ? 
_citation.book_title                ? 
_citation.coordinate_linkage        ? 
_citation.country                   ? 
_citation.database_id_Medline       ? 
_citation.details                   ? 
_citation.id                        primary 
_citation.journal_abbrev            'To Be Published' 
_citation.journal_id_ASTM           ? 
_citation.journal_id_CSD            0353 
_citation.journal_id_ISSN           ? 
_citation.journal_full              ? 
_citation.journal_issue             ? 
_citation.journal_volume            ? 
_citation.language                  ? 
_citation.page_first                ? 
_citation.page_last                 ? 
_citation.title                     'Structure of a triple-helix region of human Collagen type IV from Trautec' 
_citation.year                      ? 
_citation.database_id_CSD           ? 
_citation.pdbx_database_id_DOI      ? 
_citation.pdbx_database_id_PubMed   ? 
_citation.pdbx_database_id_patent   ? 
_citation.unpublished_flag          ? 
# 
loop_
_citation_author.citation_id 
_citation_author.name 
_citation_author.ordinal 
_citation_author.identifier_ORCID 
primary 'Fan, X.'  1  ? 
primary 'Chu, Y.'  2  ? 
primary 'Zhai, Y.' 3  ? 
primary 'Fu, S.'   4  ? 
primary 'Li, D.'   5  ? 
primary 'Feng, P.' 6  ? 
primary 'Cao, K.'  7  ? 
primary 'Wu, X.'   8  ? 
primary 'Cai, H.'  9  ? 
primary 'Wang, H.' 10 ? 
primary 'Qian, S.' 11 ? 
# 
loop_
_entity.id 
_entity.type 
_entity.src_method 
_entity.pdbx_description 
_entity.formula_weight 
_entity.pdbx_number_of_molecules 
_entity.pdbx_ec 
_entity.pdbx_mutation 
_entity.pdbx_fragment 
_entity.details 
1 polymer     syn 'Triple-helix region of human collagen type IV' 2597.748 3   ? ? ? ? 
2 non-polymer nat GLYCEROL                                        92.094   1   ? ? ? ? 
3 water       nat water                                           18.015   125 ? ? ? ? 
# 
_entity_poly.entity_id                      1 
_entity_poly.type                           'polypeptide(L)' 
_entity_poly.nstd_linkage                   no 
_entity_poly.nstd_monomer                   yes 
_entity_poly.pdbx_seq_one_letter_code       'P(HYP)GP(HYP)GP(HYP)GEKGERGYPGP(HYP)GP(HYP)GP(HYP)G' 
_entity_poly.pdbx_seq_one_letter_code_can   PPGPPGPPGEKGERGYPGPPGPPGPPG 
_entity_poly.pdbx_strand_id                 A,B,C 
_entity_poly.pdbx_target_identifier         ? 
# 
loop_
_pdbx_entity_nonpoly.entity_id 
_pdbx_entity_nonpoly.name 
_pdbx_entity_nonpoly.comp_id 
2 GLYCEROL GOL 
3 water    HOH 
# 
loop_
_entity_poly_seq.entity_id 
_entity_poly_seq.num 
_entity_poly_seq.mon_id 
_entity_poly_seq.hetero 
1 1  PRO n 
1 2  HYP n 
1 3  GLY n 
1 4  PRO n 
1 5  HYP n 
1 6  GLY n 
1 7  PRO n 
1 8  HYP n 
1 9  GLY n 
1 10 GLU n 
1 11 LYS n 
1 12 GLY n 
1 13 GLU n 
1 14 ARG n 
1 15 GLY n 
1 16 TYR n 
1 17 PRO n 
1 18 GLY n 
1 19 PRO n 
1 20 HYP n 
1 21 GLY n 
1 22 PRO n 
1 23 HYP n 
1 24 GLY n 
1 25 PRO n 
1 26 HYP n 
1 27 GLY n 
# 
_pdbx_entity_src_syn.entity_id              1 
_pdbx_entity_src_syn.pdbx_src_id            1 
_pdbx_entity_src_syn.pdbx_alt_source_flag   sample 
_pdbx_entity_src_syn.pdbx_beg_seq_num       1 
_pdbx_entity_src_syn.pdbx_end_seq_num       27 
_pdbx_entity_src_syn.organism_scientific    'Homo sapiens' 
_pdbx_entity_src_syn.organism_common_name   human 
_pdbx_entity_src_syn.ncbi_taxonomy_id       9606 
_pdbx_entity_src_syn.details                ? 
# 
loop_
_chem_comp.id 
_chem_comp.type 
_chem_comp.mon_nstd_flag 
_chem_comp.name 
_chem_comp.pdbx_synonyms 
_chem_comp.formula 
_chem_comp.formula_weight 
ARG 'L-peptide linking' y ARGININE         ?                               'C6 H15 N4 O2 1' 175.209 
GLU 'L-peptide linking' y 'GLUTAMIC ACID'  ?                               'C5 H9 N O4'     147.129 
GLY 'peptide linking'   y GLYCINE          ?                               'C2 H5 N O2'     75.067  
GOL non-polymer         . GLYCEROL         'GLYCERIN; PROPANE-1,2,3-TRIOL' 'C3 H8 O3'       92.094  
HOH non-polymer         . WATER            ?                               'H2 O'           18.015  
HYP 'L-peptide linking' n 4-HYDROXYPROLINE HYDROXYPROLINE                  'C5 H9 N O3'     131.130 
LYS 'L-peptide linking' y LYSINE           ?                               'C6 H15 N2 O2 1' 147.195 
PRO 'L-peptide linking' y PROLINE          ?                               'C5 H9 N O2'     115.130 
TYR 'L-peptide linking' y TYROSINE         ?                               'C9 H11 N O3'    181.189 
# 
loop_
_pdbx_poly_seq_scheme.asym_id 
_pdbx_poly_seq_scheme.entity_id 
_pdbx_poly_seq_scheme.seq_id 
_pdbx_poly_seq_scheme.mon_id 
_pdbx_poly_seq_scheme.ndb_seq_num 
_pdbx_poly_seq_scheme.pdb_seq_num 
_pdbx_poly_seq_scheme.auth_seq_num 
_pdbx_poly_seq_scheme.pdb_mon_id 
_pdbx_poly_seq_scheme.auth_mon_id 
_pdbx_poly_seq_scheme.pdb_strand_id 
_pdbx_poly_seq_scheme.pdb_ins_code 
_pdbx_poly_seq_scheme.hetero 
A 1 1  PRO 1  1  ?  ?   ?   A . n 
A 1 2  HYP 2  2  ?  ?   ?   A . n 
A 1 3  GLY 3  3  3  GLY GLY A . n 
A 1 4  PRO 4  4  4  PRO PRO A . n 
A 1 5  HYP 5  5  5  HYP HYP A . n 
A 1 6  GLY 6  6  6  GLY GLY A . n 
A 1 7  PRO 7  7  7  PRO PRO A . n 
A 1 8  HYP 8  8  8  HYP HYP A . n 
A 1 9  GLY 9  9  9  GLY GLY A . n 
A 1 10 GLU 10 10 10 GLU GLU A . n 
A 1 11 LYS 11 11 11 LYS LYS A . n 
A 1 12 GLY 12 12 12 GLY GLY A . n 
A 1 13 GLU 13 13 13 GLU GLU A . n 
A 1 14 ARG 14 14 14 ARG ARG A . n 
A 1 15 GLY 15 15 15 GLY GLY A . n 
A 1 16 TYR 16 16 16 TYR TYR A . n 
A 1 17 PRO 17 17 17 PRO PRO A . n 
A 1 18 GLY 18 18 18 GLY GLY A . n 
A 1 19 PRO 19 19 19 PRO PRO A . n 
A 1 20 HYP 20 20 20 HYP HYP A . n 
A 1 21 GLY 21 21 21 GLY GLY A . n 
A 1 22 PRO 22 22 22 PRO PRO A . n 
A 1 23 HYP 23 23 23 HYP HYP A . n 
A 1 24 GLY 24 24 24 GLY GLY A . n 
A 1 25 PRO 25 25 25 PRO PRO A . n 
A 1 26 HYP 26 26 26 HYP HYP A . n 
A 1 27 GLY 27 27 27 GLY GLY A . n 
B 1 1  PRO 1  1  ?  ?   ?   B . n 
B 1 2  HYP 2  2  2  HYP HYP B . n 
B 1 3  GLY 3  3  3  GLY GLY B . n 
B 1 4  PRO 4  4  4  PRO PRO B . n 
B 1 5  HYP 5  5  5  HYP HYP B . n 
B 1 6  GLY 6  6  6  GLY GLY B . n 
B 1 7  PRO 7  7  7  PRO PRO B . n 
B 1 8  HYP 8  8  8  HYP HYP B . n 
B 1 9  GLY 9  9  9  GLY GLY B . n 
B 1 10 GLU 10 10 10 GLU GLU B . n 
B 1 11 LYS 11 11 11 LYS LYS B . n 
B 1 12 GLY 12 12 12 GLY GLY B . n 
B 1 13 GLU 13 13 13 GLU GLU B . n 
B 1 14 ARG 14 14 14 ARG ARG B . n 
B 1 15 GLY 15 15 15 GLY GLY B . n 
B 1 16 TYR 16 16 16 TYR TYR B . n 
B 1 17 PRO 17 17 17 PRO PRO B . n 
B 1 18 GLY 18 18 18 GLY GLY B . n 
B 1 19 PRO 19 19 19 PRO PRO B . n 
B 1 20 HYP 20 20 20 HYP HYP B . n 
B 1 21 GLY 21 21 21 GLY GLY B . n 
B 1 22 PRO 22 22 22 PRO PRO B . n 
B 1 23 HYP 23 23 23 HYP HYP B . n 
B 1 24 GLY 24 24 24 GLY GLY B . n 
B 1 25 PRO 25 25 ?  ?   ?   B . n 
B 1 26 HYP 26 26 ?  ?   ?   B . n 
B 1 27 GLY 27 27 ?  ?   ?   B . n 
C 1 1  PRO 1  1  ?  ?   ?   C . n 
C 1 2  HYP 2  2  ?  ?   ?   C . n 
C 1 3  GLY 3  3  3  GLY GLY C . n 
C 1 4  PRO 4  4  4  PRO PRO C . n 
C 1 5  HYP 5  5  5  HYP HYP C . n 
C 1 6  GLY 6  6  6  GLY GLY C . n 
C 1 7  PRO 7  7  7  PRO PRO C . n 
C 1 8  HYP 8  8  8  HYP HYP C . n 
C 1 9  GLY 9  9  9  GLY GLY C . n 
C 1 10 GLU 10 10 10 GLU GLU C . n 
C 1 11 LYS 11 11 11 LYS LYS C . n 
C 1 12 GLY 12 12 12 GLY GLY C . n 
C 1 13 GLU 13 13 13 GLU GLU C . n 
C 1 14 ARG 14 14 14 ARG ARG C . n 
C 1 15 GLY 15 15 15 GLY GLY C . n 
C 1 16 TYR 16 16 16 TYR TYR C . n 
C 1 17 PRO 17 17 17 PRO PRO C . n 
C 1 18 GLY 18 18 18 GLY GLY C . n 
C 1 19 PRO 19 19 19 PRO PRO C . n 
C 1 20 HYP 20 20 20 HYP HYP C . n 
C 1 21 GLY 21 21 21 GLY GLY C . n 
C 1 22 PRO 22 22 22 PRO PRO C . n 
C 1 23 HYP 23 23 23 HYP HYP C . n 
C 1 24 GLY 24 24 24 GLY GLY C . n 
C 1 25 PRO 25 25 25 PRO PRO C . n 
C 1 26 HYP 26 26 ?  ?   ?   C . n 
C 1 27 GLY 27 27 ?  ?   ?   C . n 
# 
loop_
_pdbx_nonpoly_scheme.asym_id 
_pdbx_nonpoly_scheme.entity_id 
_pdbx_nonpoly_scheme.mon_id 
_pdbx_nonpoly_scheme.ndb_seq_num 
_pdbx_nonpoly_scheme.pdb_seq_num 
_pdbx_nonpoly_scheme.auth_seq_num 
_pdbx_nonpoly_scheme.pdb_mon_id 
_pdbx_nonpoly_scheme.auth_mon_id 
_pdbx_nonpoly_scheme.pdb_strand_id 
_pdbx_nonpoly_scheme.pdb_ins_code 
D 2 GOL 1  101 1   GOL GOL B . 
E 3 HOH 1  101 89  HOH HOH A . 
E 3 HOH 2  102 47  HOH HOH A . 
E 3 HOH 3  103 109 HOH HOH A . 
E 3 HOH 4  104 82  HOH HOH A . 
E 3 HOH 5  105 70  HOH HOH A . 
E 3 HOH 6  106 49  HOH HOH A . 
E 3 HOH 7  107 41  HOH HOH A . 
E 3 HOH 8  108 38  HOH HOH A . 
E 3 HOH 9  109 46  HOH HOH A . 
E 3 HOH 10 110 100 HOH HOH A . 
E 3 HOH 11 111 124 HOH HOH A . 
E 3 HOH 12 112 11  HOH HOH A . 
E 3 HOH 13 113 17  HOH HOH A . 
E 3 HOH 14 114 77  HOH HOH A . 
E 3 HOH 15 115 13  HOH HOH A . 
E 3 HOH 16 116 2   HOH HOH A . 
E 3 HOH 17 117 65  HOH HOH A . 
E 3 HOH 18 118 101 HOH HOH A . 
E 3 HOH 19 119 87  HOH HOH A . 
E 3 HOH 20 120 93  HOH HOH A . 
E 3 HOH 21 121 80  HOH HOH A . 
E 3 HOH 22 122 15  HOH HOH A . 
E 3 HOH 23 123 66  HOH HOH A . 
E 3 HOH 24 124 61  HOH HOH A . 
E 3 HOH 25 125 78  HOH HOH A . 
E 3 HOH 26 126 104 HOH HOH A . 
E 3 HOH 27 127 62  HOH HOH A . 
E 3 HOH 28 128 108 HOH HOH A . 
E 3 HOH 29 129 123 HOH HOH A . 
E 3 HOH 30 130 94  HOH HOH A . 
E 3 HOH 31 131 111 HOH HOH A . 
E 3 HOH 32 132 43  HOH HOH A . 
E 3 HOH 33 133 88  HOH HOH A . 
E 3 HOH 34 134 69  HOH HOH A . 
E 3 HOH 35 135 92  HOH HOH A . 
E 3 HOH 36 136 27  HOH HOH A . 
E 3 HOH 37 137 30  HOH HOH A . 
E 3 HOH 38 138 39  HOH HOH A . 
E 3 HOH 39 139 18  HOH HOH A . 
E 3 HOH 40 140 76  HOH HOH A . 
E 3 HOH 41 141 52  HOH HOH A . 
F 3 HOH 1  201 110 HOH HOH B . 
F 3 HOH 2  202 84  HOH HOH B . 
F 3 HOH 3  203 35  HOH HOH B . 
F 3 HOH 4  204 120 HOH HOH B . 
F 3 HOH 5  205 20  HOH HOH B . 
F 3 HOH 6  206 26  HOH HOH B . 
F 3 HOH 7  207 4   HOH HOH B . 
F 3 HOH 8  208 34  HOH HOH B . 
F 3 HOH 9  209 5   HOH HOH B . 
F 3 HOH 10 210 9   HOH HOH B . 
F 3 HOH 11 211 58  HOH HOH B . 
F 3 HOH 12 212 91  HOH HOH B . 
F 3 HOH 13 213 37  HOH HOH B . 
F 3 HOH 14 214 8   HOH HOH B . 
F 3 HOH 15 215 98  HOH HOH B . 
F 3 HOH 16 216 40  HOH HOH B . 
F 3 HOH 17 217 72  HOH HOH B . 
F 3 HOH 18 218 95  HOH HOH B . 
F 3 HOH 19 219 55  HOH HOH B . 
F 3 HOH 20 220 67  HOH HOH B . 
F 3 HOH 21 221 14  HOH HOH B . 
F 3 HOH 22 222 57  HOH HOH B . 
F 3 HOH 23 223 1   HOH HOH B . 
F 3 HOH 24 224 99  HOH HOH B . 
F 3 HOH 25 225 50  HOH HOH B . 
F 3 HOH 26 226 22  HOH HOH B . 
F 3 HOH 27 227 10  HOH HOH B . 
F 3 HOH 28 228 42  HOH HOH B . 
F 3 HOH 29 229 105 HOH HOH B . 
F 3 HOH 30 230 33  HOH HOH B . 
F 3 HOH 31 231 115 HOH HOH B . 
F 3 HOH 32 232 118 HOH HOH B . 
F 3 HOH 33 233 75  HOH HOH B . 
F 3 HOH 34 234 116 HOH HOH B . 
F 3 HOH 35 235 32  HOH HOH B . 
F 3 HOH 36 236 81  HOH HOH B . 
F 3 HOH 37 237 106 HOH HOH B . 
F 3 HOH 38 238 79  HOH HOH B . 
F 3 HOH 39 239 125 HOH HOH B . 
F 3 HOH 40 240 122 HOH HOH B . 
F 3 HOH 41 241 59  HOH HOH B . 
F 3 HOH 42 242 73  HOH HOH B . 
F 3 HOH 43 243 23  HOH HOH B . 
F 3 HOH 44 244 112 HOH HOH B . 
F 3 HOH 45 245 53  HOH HOH B . 
F 3 HOH 46 246 103 HOH HOH B . 
F 3 HOH 47 247 19  HOH HOH B . 
F 3 HOH 48 248 85  HOH HOH B . 
F 3 HOH 49 249 24  HOH HOH B . 
F 3 HOH 50 250 86  HOH HOH B . 
F 3 HOH 51 251 31  HOH HOH B . 
F 3 HOH 52 252 107 HOH HOH B . 
G 3 HOH 1  101 117 HOH HOH C . 
G 3 HOH 2  102 48  HOH HOH C . 
G 3 HOH 3  103 83  HOH HOH C . 
G 3 HOH 4  104 7   HOH HOH C . 
G 3 HOH 5  105 51  HOH HOH C . 
G 3 HOH 6  106 54  HOH HOH C . 
G 3 HOH 7  107 25  HOH HOH C . 
G 3 HOH 8  108 16  HOH HOH C . 
G 3 HOH 9  109 28  HOH HOH C . 
G 3 HOH 10 110 102 HOH HOH C . 
G 3 HOH 11 111 6   HOH HOH C . 
G 3 HOH 12 112 121 HOH HOH C . 
G 3 HOH 13 113 97  HOH HOH C . 
G 3 HOH 14 114 96  HOH HOH C . 
G 3 HOH 15 115 44  HOH HOH C . 
G 3 HOH 16 116 21  HOH HOH C . 
G 3 HOH 17 117 113 HOH HOH C . 
G 3 HOH 18 118 45  HOH HOH C . 
G 3 HOH 19 119 3   HOH HOH C . 
G 3 HOH 20 120 56  HOH HOH C . 
G 3 HOH 21 121 12  HOH HOH C . 
G 3 HOH 22 122 63  HOH HOH C . 
G 3 HOH 23 123 71  HOH HOH C . 
G 3 HOH 24 124 68  HOH HOH C . 
G 3 HOH 25 125 114 HOH HOH C . 
G 3 HOH 26 126 60  HOH HOH C . 
G 3 HOH 27 127 64  HOH HOH C . 
G 3 HOH 28 128 90  HOH HOH C . 
G 3 HOH 29 129 119 HOH HOH C . 
G 3 HOH 30 130 36  HOH HOH C . 
G 3 HOH 31 131 29  HOH HOH C . 
G 3 HOH 32 132 74  HOH HOH C . 
# 
loop_
_software.citation_id 
_software.classification 
_software.compiler_name 
_software.compiler_version 
_software.contact_author 
_software.contact_author_email 
_software.date 
_software.description 
_software.dependencies 
_software.hardware 
_software.language 
_software.location 
_software.mods 
_software.name 
_software.os 
_software.os_version 
_software.type 
_software.version 
_software.pdbx_ordinal 
? refinement       ? ? ? ? ? ? ? ? ? ? ? REFMAC  ? ? ? 5.8.0425 1 
? 'data reduction' ? ? ? ? ? ? ? ? ? ? ? XDS     ? ? ? .        2 
? 'data scaling'   ? ? ? ? ? ? ? ? ? ? ? Aimless ? ? ? .        3 
? phasing          ? ? ? ? ? ? ? ? ? ? ? PHASER  ? ? ? .        4 
# 
_cell.angle_alpha                  90.000 
_cell.angle_alpha_esd              ? 
_cell.angle_beta                   101.194 
_cell.angle_beta_esd               ? 
_cell.angle_gamma                  90.000 
_cell.angle_gamma_esd              ? 
_cell.entry_id                     9J1T 
_cell.details                      ? 
_cell.formula_units_Z              ? 
_cell.length_a                     29.316 
_cell.length_a_esd                 ? 
_cell.length_b                     17.717 
_cell.length_b_esd                 ? 
_cell.length_c                     65.821 
_cell.length_c_esd                 ? 
_cell.volume                       ? 
_cell.volume_esd                   ? 
_cell.Z_PDB                        6 
_cell.reciprocal_angle_alpha       ? 
_cell.reciprocal_angle_beta        ? 
_cell.reciprocal_angle_gamma       ? 
_cell.reciprocal_angle_alpha_esd   ? 
_cell.reciprocal_angle_beta_esd    ? 
_cell.reciprocal_angle_gamma_esd   ? 
_cell.reciprocal_length_a          ? 
_cell.reciprocal_length_b          ? 
_cell.reciprocal_length_c          ? 
_cell.reciprocal_length_a_esd      ? 
_cell.reciprocal_length_b_esd      ? 
_cell.reciprocal_length_c_esd      ? 
_cell.pdbx_unique_axis             ? 
_cell.pdbx_esd_method              ? 
# 
_symmetry.entry_id                         9J1T 
_symmetry.cell_setting                     ? 
_symmetry.Int_Tables_number                4 
_symmetry.space_group_name_Hall            ? 
_symmetry.space_group_name_H-M             'P 1 21 1' 
_symmetry.pdbx_full_space_group_name_H-M   ? 
# 
_exptl.absorpt_coefficient_mu     ? 
_exptl.absorpt_correction_T_max   ? 
_exptl.absorpt_correction_T_min   ? 
_exptl.absorpt_correction_type    ? 
_exptl.absorpt_process_details    ? 
_exptl.entry_id                   9J1T 
_exptl.crystals_number            1 
_exptl.details                    ? 
_exptl.method                     'X-RAY DIFFRACTION' 
_exptl.method_details             ? 
# 
_exptl_crystal.colour                       ? 
_exptl_crystal.density_diffrn               ? 
_exptl_crystal.density_Matthews             2.03 
_exptl_crystal.density_method               ? 
_exptl_crystal.density_percent_sol          39.36 
_exptl_crystal.description                  ? 
_exptl_crystal.F_000                        ? 
_exptl_crystal.id                           1 
_exptl_crystal.preparation                  ? 
_exptl_crystal.size_max                     ? 
_exptl_crystal.size_mid                     ? 
_exptl_crystal.size_min                     ? 
_exptl_crystal.size_rad                     ? 
_exptl_crystal.colour_lustre                ? 
_exptl_crystal.colour_modifier              ? 
_exptl_crystal.colour_primary               ? 
_exptl_crystal.density_meas                 ? 
_exptl_crystal.density_meas_esd             ? 
_exptl_crystal.density_meas_gt              ? 
_exptl_crystal.density_meas_lt              ? 
_exptl_crystal.density_meas_temp            ? 
_exptl_crystal.density_meas_temp_esd        ? 
_exptl_crystal.density_meas_temp_gt         ? 
_exptl_crystal.density_meas_temp_lt         ? 
_exptl_crystal.pdbx_crystal_image_url       ? 
_exptl_crystal.pdbx_crystal_image_format    ? 
_exptl_crystal.pdbx_mosaicity               ? 
_exptl_crystal.pdbx_mosaicity_esd           ? 
_exptl_crystal.pdbx_mosaic_method           ? 
_exptl_crystal.pdbx_mosaic_block_size       ? 
_exptl_crystal.pdbx_mosaic_block_size_esd   ? 
# 
_exptl_crystal_grow.apparatus       ? 
_exptl_crystal_grow.atmosphere      ? 
_exptl_crystal_grow.crystal_id      1 
_exptl_crystal_grow.details         ? 
_exptl_crystal_grow.method          'VAPOR DIFFUSION, SITTING DROP' 
_exptl_crystal_grow.method_ref      ? 
_exptl_crystal_grow.pH              ? 
_exptl_crystal_grow.pressure        ? 
_exptl_crystal_grow.pressure_esd    ? 
_exptl_crystal_grow.seeding         ? 
_exptl_crystal_grow.seeding_ref     ? 
_exptl_crystal_grow.temp_details    ? 
_exptl_crystal_grow.temp_esd        ? 
_exptl_crystal_grow.time            ? 
_exptl_crystal_grow.pdbx_details    'Crystal-C4:0.2M NaAc, 0.1M Sodium cacodylate pH6.5, 30% PEG8,000' 
_exptl_crystal_grow.pdbx_pH_range   ? 
_exptl_crystal_grow.temp            293 
# 
_diffrn.ambient_environment              ? 
_diffrn.ambient_temp                     100 
_diffrn.ambient_temp_details             ? 
_diffrn.ambient_temp_esd                 ? 
_diffrn.crystal_id                       1 
_diffrn.crystal_support                  ? 
_diffrn.crystal_treatment                ? 
_diffrn.details                          ? 
_diffrn.id                               1 
_diffrn.ambient_pressure                 ? 
_diffrn.ambient_pressure_esd             ? 
_diffrn.ambient_pressure_gt              ? 
_diffrn.ambient_pressure_lt              ? 
_diffrn.ambient_temp_gt                  ? 
_diffrn.ambient_temp_lt                  ? 
_diffrn.pdbx_serial_crystal_experiment   N 
# 
_diffrn_detector.details                      ? 
_diffrn_detector.detector                     PIXEL 
_diffrn_detector.diffrn_id                    1 
_diffrn_detector.type                         'DECTRIS PILATUS3 6M' 
_diffrn_detector.area_resol_mean              ? 
_diffrn_detector.dtime                        ? 
_diffrn_detector.pdbx_frames_total            ? 
_diffrn_detector.pdbx_collection_time_total   ? 
_diffrn_detector.pdbx_collection_date         2024-06-25 
_diffrn_detector.pdbx_frequency               ? 
_diffrn_detector.id                           ? 
_diffrn_detector.number_of_axes               ? 
# 
_diffrn_radiation.collimation                      ? 
_diffrn_radiation.diffrn_id                        1 
_diffrn_radiation.filter_edge                      ? 
_diffrn_radiation.inhomogeneity                    ? 
_diffrn_radiation.monochromator                    ? 
_diffrn_radiation.polarisn_norm                    ? 
_diffrn_radiation.polarisn_ratio                   ? 
_diffrn_radiation.probe                            ? 
_diffrn_radiation.type                             ? 
_diffrn_radiation.xray_symbol                      ? 
_diffrn_radiation.wavelength_id                    1 
_diffrn_radiation.pdbx_monochromatic_or_laue_m_l   M 
_diffrn_radiation.pdbx_wavelength_list             ? 
_diffrn_radiation.pdbx_wavelength                  ? 
_diffrn_radiation.pdbx_diffrn_protocol             'SINGLE WAVELENGTH' 
_diffrn_radiation.pdbx_analyzer                    ? 
_diffrn_radiation.pdbx_scattering_type             x-ray 
# 
_diffrn_radiation_wavelength.id           1 
_diffrn_radiation_wavelength.wavelength   0.99999 
_diffrn_radiation_wavelength.wt           1.0 
# 
_diffrn_source.current                     ? 
_diffrn_source.details                     ? 
_diffrn_source.diffrn_id                   1 
_diffrn_source.power                       ? 
_diffrn_source.size                        ? 
_diffrn_source.source                      SYNCHROTRON 
_diffrn_source.target                      ? 
_diffrn_source.type                        'SPRING-8 BEAMLINE BL45XU' 
_diffrn_source.voltage                     ? 
_diffrn_source.take-off_angle              ? 
_diffrn_source.pdbx_wavelength_list        0.99999 
_diffrn_source.pdbx_wavelength             ? 
_diffrn_source.pdbx_synchrotron_beamline   BL45XU 
_diffrn_source.pdbx_synchrotron_site       SPring-8 
# 
_reflns.B_iso_Wilson_estimate                          ? 
_reflns.entry_id                                       9J1T 
_reflns.data_reduction_details                         ? 
_reflns.data_reduction_method                          ? 
_reflns.d_resolution_high                              1.45 
_reflns.d_resolution_low                               32.28 
_reflns.details                                        ? 
_reflns.limit_h_max                                    ? 
_reflns.limit_h_min                                    ? 
_reflns.limit_k_max                                    ? 
_reflns.limit_k_min                                    ? 
_reflns.limit_l_max                                    ? 
_reflns.limit_l_min                                    ? 
_reflns.number_all                                     ? 
_reflns.number_obs                                     11714 
_reflns.observed_criterion                             ? 
_reflns.observed_criterion_F_max                       ? 
_reflns.observed_criterion_F_min                       ? 
_reflns.observed_criterion_I_max                       ? 
_reflns.observed_criterion_I_min                       ? 
_reflns.observed_criterion_sigma_F                     ? 
_reflns.observed_criterion_sigma_I                     ? 
_reflns.percent_possible_obs                           96.4 
_reflns.R_free_details                                 ? 
_reflns.Rmerge_F_all                                   ? 
_reflns.Rmerge_F_obs                                   ? 
_reflns.Friedel_coverage                               ? 
_reflns.number_gt                                      ? 
_reflns.threshold_expression                           ? 
_reflns.pdbx_redundancy                                6.7 
_reflns.pdbx_netI_over_av_sigmaI                       ? 
_reflns.pdbx_netI_over_sigmaI                          17.9 
_reflns.pdbx_res_netI_over_av_sigmaI_2                 ? 
_reflns.pdbx_res_netI_over_sigmaI_2                    ? 
_reflns.pdbx_chi_squared                               ? 
_reflns.pdbx_scaling_rejects                           ? 
_reflns.pdbx_d_res_high_opt                            ? 
_reflns.pdbx_d_res_low_opt                             ? 
_reflns.pdbx_d_res_opt_method                          ? 
_reflns.phase_calculation_details                      ? 
_reflns.pdbx_Rrim_I_all                                ? 
_reflns.pdbx_Rpim_I_all                                ? 
_reflns.pdbx_d_opt                                     ? 
_reflns.pdbx_number_measured_all                       ? 
_reflns.pdbx_diffrn_id                                 1 
_reflns.pdbx_ordinal                                   1 
_reflns.pdbx_CC_half                                   0.998 
_reflns.pdbx_CC_star                                   ? 
_reflns.pdbx_R_split                                   ? 
_reflns.pdbx_Rmerge_I_obs                              ? 
_reflns.pdbx_Rmerge_I_all                              ? 
_reflns.pdbx_Rsym_value                                ? 
_reflns.pdbx_CC_split_method                           ? 
_reflns.pdbx_aniso_diffraction_limit_axis_1_ortho[1]   ? 
_reflns.pdbx_aniso_diffraction_limit_axis_1_ortho[2]   ? 
_reflns.pdbx_aniso_diffraction_limit_axis_1_ortho[3]   ? 
_reflns.pdbx_aniso_diffraction_limit_axis_2_ortho[1]   ? 
_reflns.pdbx_aniso_diffraction_limit_axis_2_ortho[2]   ? 
_reflns.pdbx_aniso_diffraction_limit_axis_2_ortho[3]   ? 
_reflns.pdbx_aniso_diffraction_limit_axis_3_ortho[1]   ? 
_reflns.pdbx_aniso_diffraction_limit_axis_3_ortho[2]   ? 
_reflns.pdbx_aniso_diffraction_limit_axis_3_ortho[3]   ? 
_reflns.pdbx_aniso_diffraction_limit_1                 ? 
_reflns.pdbx_aniso_diffraction_limit_2                 ? 
_reflns.pdbx_aniso_diffraction_limit_3                 ? 
_reflns.pdbx_aniso_B_tensor_eigenvector_1_ortho[1]     ? 
_reflns.pdbx_aniso_B_tensor_eigenvector_1_ortho[2]     ? 
_reflns.pdbx_aniso_B_tensor_eigenvector_1_ortho[3]     ? 
_reflns.pdbx_aniso_B_tensor_eigenvector_2_ortho[1]     ? 
_reflns.pdbx_aniso_B_tensor_eigenvector_2_ortho[2]     ? 
_reflns.pdbx_aniso_B_tensor_eigenvector_2_ortho[3]     ? 
_reflns.pdbx_aniso_B_tensor_eigenvector_3_ortho[1]     ? 
_reflns.pdbx_aniso_B_tensor_eigenvector_3_ortho[2]     ? 
_reflns.pdbx_aniso_B_tensor_eigenvector_3_ortho[3]     ? 
_reflns.pdbx_aniso_B_tensor_eigenvalue_1               ? 
_reflns.pdbx_aniso_B_tensor_eigenvalue_2               ? 
_reflns.pdbx_aniso_B_tensor_eigenvalue_3               ? 
_reflns.pdbx_orthogonalization_convention              ? 
_reflns.pdbx_percent_possible_ellipsoidal              ? 
_reflns.pdbx_percent_possible_spherical                ? 
_reflns.pdbx_percent_possible_ellipsoidal_anomalous    ? 
_reflns.pdbx_percent_possible_spherical_anomalous      ? 
_reflns.pdbx_redundancy_anomalous                      ? 
_reflns.pdbx_CC_half_anomalous                         ? 
_reflns.pdbx_absDiff_over_sigma_anomalous              ? 
_reflns.pdbx_percent_possible_anomalous                ? 
_reflns.pdbx_observed_signal_threshold                 ? 
_reflns.pdbx_signal_type                               ? 
_reflns.pdbx_signal_details                            ? 
_reflns.pdbx_signal_software_id                        ? 
# 
_reflns_shell.d_res_high                                    1.45 
_reflns_shell.d_res_low                                     1.47 
_reflns_shell.meanI_over_sigI_all                           ? 
_reflns_shell.meanI_over_sigI_obs                           ? 
_reflns_shell.number_measured_all                           ? 
_reflns_shell.number_measured_obs                           ? 
_reflns_shell.number_possible                               ? 
_reflns_shell.number_unique_all                             ? 
_reflns_shell.number_unique_obs                             576 
_reflns_shell.percent_possible_obs                          ? 
_reflns_shell.Rmerge_F_all                                  ? 
_reflns_shell.Rmerge_F_obs                                  ? 
_reflns_shell.meanI_over_sigI_gt                            ? 
_reflns_shell.meanI_over_uI_all                             ? 
_reflns_shell.meanI_over_uI_gt                              ? 
_reflns_shell.number_measured_gt                            ? 
_reflns_shell.number_unique_gt                              ? 
_reflns_shell.percent_possible_gt                           ? 
_reflns_shell.Rmerge_F_gt                                   ? 
_reflns_shell.Rmerge_I_gt                                   ? 
_reflns_shell.pdbx_redundancy                               ? 
_reflns_shell.pdbx_chi_squared                              ? 
_reflns_shell.pdbx_netI_over_sigmaI_all                     ? 
_reflns_shell.pdbx_netI_over_sigmaI_obs                     ? 
_reflns_shell.pdbx_Rrim_I_all                               ? 
_reflns_shell.pdbx_Rpim_I_all                               ? 
_reflns_shell.pdbx_rejects                                  ? 
_reflns_shell.pdbx_ordinal                                  1 
_reflns_shell.pdbx_diffrn_id                                1 
_reflns_shell.pdbx_CC_half                                  0.989 
_reflns_shell.pdbx_CC_star                                  ? 
_reflns_shell.pdbx_R_split                                  ? 
_reflns_shell.percent_possible_all                          ? 
_reflns_shell.Rmerge_I_all                                  ? 
_reflns_shell.Rmerge_I_obs                                  ? 
_reflns_shell.pdbx_Rsym_value                               ? 
_reflns_shell.pdbx_percent_possible_ellipsoidal             ? 
_reflns_shell.pdbx_percent_possible_spherical               ? 
_reflns_shell.pdbx_percent_possible_ellipsoidal_anomalous   ? 
_reflns_shell.pdbx_percent_possible_spherical_anomalous     ? 
_reflns_shell.pdbx_redundancy_anomalous                     ? 
_reflns_shell.pdbx_CC_half_anomalous                        ? 
_reflns_shell.pdbx_absDiff_over_sigma_anomalous             ? 
_reflns_shell.pdbx_percent_possible_anomalous               ? 
# 
_refine.aniso_B[1][1]                            -0.612 
_refine.aniso_B[1][2]                            0.000 
_refine.aniso_B[1][3]                            -0.395 
_refine.aniso_B[2][2]                            -0.802 
_refine.aniso_B[2][3]                            0.000 
_refine.aniso_B[3][3]                            1.456 
_refine.B_iso_max                                ? 
_refine.B_iso_mean                               16.157 
_refine.B_iso_min                                ? 
_refine.correlation_coeff_Fo_to_Fc               0.955 
_refine.correlation_coeff_Fo_to_Fc_free          0.942 
_refine.details                                  'Hydrogens have been added in their riding positions' 
_refine.diff_density_max                         ? 
_refine.diff_density_max_esd                     ? 
_refine.diff_density_min                         ? 
_refine.diff_density_min_esd                     ? 
_refine.diff_density_rms                         ? 
_refine.diff_density_rms_esd                     ? 
_refine.entry_id                                 9J1T 
_refine.pdbx_refine_id                           'X-RAY DIFFRACTION' 
_refine.ls_abs_structure_details                 ? 
_refine.ls_abs_structure_Flack                   ? 
_refine.ls_abs_structure_Flack_esd               ? 
_refine.ls_abs_structure_Rogers                  ? 
_refine.ls_abs_structure_Rogers_esd              ? 
_refine.ls_d_res_high                            1.450 
_refine.ls_d_res_low                             32.28 
_refine.ls_extinction_coef                       ? 
_refine.ls_extinction_coef_esd                   ? 
_refine.ls_extinction_expression                 ? 
_refine.ls_extinction_method                     ? 
_refine.ls_goodness_of_fit_all                   ? 
_refine.ls_goodness_of_fit_all_esd               ? 
_refine.ls_goodness_of_fit_obs                   ? 
_refine.ls_goodness_of_fit_obs_esd               ? 
_refine.ls_hydrogen_treatment                    ? 
_refine.ls_matrix_type                           ? 
_refine.ls_number_constraints                    ? 
_refine.ls_number_parameters                     ? 
_refine.ls_number_reflns_all                     ? 
_refine.ls_number_reflns_obs                     11707 
_refine.ls_number_reflns_R_free                  531 
_refine.ls_number_reflns_R_work                  11176 
_refine.ls_number_restraints                     ? 
_refine.ls_percent_reflns_obs                    95.661 
_refine.ls_percent_reflns_R_free                 4.536 
_refine.ls_R_factor_all                          0.192 
_refine.ls_R_factor_obs                          ? 
_refine.ls_R_factor_R_free                       0.2204 
_refine.ls_R_factor_R_free_error                 ? 
_refine.ls_R_factor_R_free_error_details         ? 
_refine.ls_R_factor_R_work                       0.1902 
_refine.ls_R_Fsqd_factor_obs                     ? 
_refine.ls_R_I_factor_obs                        ? 
_refine.ls_redundancy_reflns_all                 ? 
_refine.ls_redundancy_reflns_obs                 ? 
_refine.ls_restrained_S_all                      ? 
_refine.ls_restrained_S_obs                      ? 
_refine.ls_shift_over_esd_max                    ? 
_refine.ls_shift_over_esd_mean                   ? 
_refine.ls_structure_factor_coef                 ? 
_refine.ls_weighting_details                     ? 
_refine.ls_weighting_scheme                      ? 
_refine.ls_wR_factor_all                         ? 
_refine.ls_wR_factor_obs                         ? 
_refine.ls_wR_factor_R_free                      ? 
_refine.ls_wR_factor_R_work                      ? 
_refine.occupancy_max                            ? 
_refine.occupancy_min                            ? 
_refine.solvent_model_details                    'MASK BULK SOLVENT' 
_refine.solvent_model_param_bsol                 ? 
_refine.solvent_model_param_ksol                 ? 
_refine.pdbx_R_complete                          ? 
_refine.ls_R_factor_gt                           ? 
_refine.ls_goodness_of_fit_gt                    ? 
_refine.ls_goodness_of_fit_ref                   ? 
_refine.ls_shift_over_su_max                     ? 
_refine.ls_shift_over_su_max_lt                  ? 
_refine.ls_shift_over_su_mean                    ? 
_refine.ls_shift_over_su_mean_lt                 ? 
_refine.pdbx_ls_sigma_I                          ? 
_refine.pdbx_ls_sigma_F                          ? 
_refine.pdbx_ls_sigma_Fsqd                       ? 
_refine.pdbx_data_cutoff_high_absF               ? 
_refine.pdbx_data_cutoff_high_rms_absF           ? 
_refine.pdbx_data_cutoff_low_absF                ? 
_refine.pdbx_isotropic_thermal_model             ? 
_refine.pdbx_ls_cross_valid_method               'FREE R-VALUE' 
_refine.pdbx_method_to_determine_struct          'MOLECULAR REPLACEMENT' 
_refine.pdbx_starting_model                      1K6F 
_refine.pdbx_stereochemistry_target_values       ? 
_refine.pdbx_R_Free_selection_details            ? 
_refine.pdbx_stereochem_target_val_spec_case     ? 
_refine.pdbx_overall_ESU_R                       0.076 
_refine.pdbx_overall_ESU_R_Free                  0.077 
_refine.pdbx_solvent_vdw_probe_radii             1.200 
_refine.pdbx_solvent_ion_probe_radii             0.800 
_refine.pdbx_solvent_shrinkage_radii             0.800 
_refine.pdbx_real_space_R                        ? 
_refine.pdbx_density_correlation                 ? 
_refine.pdbx_pd_number_of_powder_patterns        ? 
_refine.pdbx_pd_number_of_points                 ? 
_refine.pdbx_pd_meas_number_of_points            ? 
_refine.pdbx_pd_proc_ls_prof_R_factor            ? 
_refine.pdbx_pd_proc_ls_prof_wR_factor           ? 
_refine.pdbx_pd_Marquardt_correlation_coeff      ? 
_refine.pdbx_pd_Fsqrd_R_factor                   ? 
_refine.pdbx_pd_ls_matrix_band_width             ? 
_refine.pdbx_overall_phase_error                 ? 
_refine.pdbx_overall_SU_R_free_Cruickshank_DPI   ? 
_refine.pdbx_overall_SU_R_free_Blow_DPI          ? 
_refine.pdbx_overall_SU_R_Blow_DPI               ? 
_refine.pdbx_TLS_residual_ADP_flag               ? 
_refine.pdbx_diffrn_id                           1 
_refine.overall_SU_B                             1.033 
_refine.overall_SU_ML                            0.042 
_refine.overall_SU_R_Cruickshank_DPI             ? 
_refine.overall_SU_R_free                        ? 
_refine.overall_FOM_free_R_set                   ? 
_refine.overall_FOM_work_R_set                   ? 
_refine.pdbx_average_fsc_overall                 ? 
_refine.pdbx_average_fsc_work                    ? 
_refine.pdbx_average_fsc_free                    ? 
# 
_refine_hist.pdbx_refine_id                   'X-RAY DIFFRACTION' 
_refine_hist.cycle_id                         LAST 
_refine_hist.details                          ? 
_refine_hist.d_res_high                       1.450 
_refine_hist.d_res_low                        32.28 
_refine_hist.number_atoms_solvent             125 
_refine_hist.number_atoms_total               612 
_refine_hist.number_reflns_all                ? 
_refine_hist.number_reflns_obs                ? 
_refine_hist.number_reflns_R_free             ? 
_refine_hist.number_reflns_R_work             ? 
_refine_hist.R_factor_all                     ? 
_refine_hist.R_factor_obs                     ? 
_refine_hist.R_factor_R_free                  ? 
_refine_hist.R_factor_R_work                  ? 
_refine_hist.pdbx_number_residues_total       ? 
_refine_hist.pdbx_B_iso_mean_ligand           ? 
_refine_hist.pdbx_B_iso_mean_solvent          ? 
_refine_hist.pdbx_number_atoms_protein        481 
_refine_hist.pdbx_number_atoms_nucleic_acid   0 
_refine_hist.pdbx_number_atoms_ligand         6 
_refine_hist.pdbx_number_atoms_lipid          ? 
_refine_hist.pdbx_number_atoms_carb           ? 
_refine_hist.pdbx_pseudo_atom_details         ? 
# 
loop_
_refine_ls_restr.pdbx_refine_id 
_refine_ls_restr.criterion 
_refine_ls_restr.dev_ideal 
_refine_ls_restr.dev_ideal_target 
_refine_ls_restr.number 
_refine_ls_restr.rejects 
_refine_ls_restr.type 
_refine_ls_restr.weight 
_refine_ls_restr.pdbx_restraint_function 
'X-RAY DIFFRACTION' ? 0.011  0.012  524  ? r_bond_refined_d               ? ? 
'X-RAY DIFFRACTION' ? 0.001  0.017  432  ? r_bond_other_d                 ? ? 
'X-RAY DIFFRACTION' ? 1.849  1.907  732  ? r_angle_refined_deg            ? ? 
'X-RAY DIFFRACTION' ? 0.569  1.685  1064 ? r_angle_other_deg              ? ? 
'X-RAY DIFFRACTION' ? 5.916  5.000  70   ? r_dihedral_angle_1_deg         ? ? 
'X-RAY DIFFRACTION' ? 4.277  5.000  3    ? r_dihedral_angle_2_deg         ? ? 
'X-RAY DIFFRACTION' ? 10.646 10.000 38   ? r_dihedral_angle_3_deg         ? ? 
'X-RAY DIFFRACTION' ? 18.118 10.000 13   ? r_dihedral_angle_6_deg         ? ? 
'X-RAY DIFFRACTION' ? 0.069  0.200  62   ? r_chiral_restr                 ? ? 
'X-RAY DIFFRACTION' ? 0.009  0.200  1    ? r_chiral_restr_other           ? ? 
'X-RAY DIFFRACTION' ? 0.012  0.020  598  ? r_gen_planes_refined           ? ? 
'X-RAY DIFFRACTION' ? 0.001  0.020  66   ? r_gen_planes_other             ? ? 
'X-RAY DIFFRACTION' ? 0.207  0.200  176  ? r_nbd_refined                  ? ? 
'X-RAY DIFFRACTION' ? 0.179  0.200  390  ? r_symmetry_nbd_other           ? ? 
'X-RAY DIFFRACTION' ? 0.179  0.200  272  ? r_nbtor_refined                ? ? 
'X-RAY DIFFRACTION' ? 0.094  0.200  191  ? r_symmetry_nbtor_other         ? ? 
'X-RAY DIFFRACTION' ? 0.198  0.200  72   ? r_xyhbond_nbd_refined          ? ? 
'X-RAY DIFFRACTION' ? 0.006  0.200  1    ? r_symmetry_nbd_refined         ? ? 
'X-RAY DIFFRACTION' ? 0.139  0.200  33   ? r_nbd_other                    ? ? 
'X-RAY DIFFRACTION' ? 0.204  0.200  27   ? r_symmetry_xyhbond_nbd_refined ? ? 
'X-RAY DIFFRACTION' ? 2.037  1.891  283  ? r_mcbond_it                    ? ? 
'X-RAY DIFFRACTION' ? 2.037  1.891  283  ? r_mcbond_other                 ? ? 
'X-RAY DIFFRACTION' ? 3.236  3.330  349  ? r_mcangle_it                   ? ? 
'X-RAY DIFFRACTION' ? 3.233  3.342  350  ? r_mcangle_other                ? ? 
'X-RAY DIFFRACTION' ? 2.124  1.999  241  ? r_scbond_it                    ? ? 
'X-RAY DIFFRACTION' ? 2.120  2.002  242  ? r_scbond_other                 ? ? 
'X-RAY DIFFRACTION' ? 3.102  3.696  382  ? r_scangle_it                   ? ? 
'X-RAY DIFFRACTION' ? 3.098  3.697  383  ? r_scangle_other                ? ? 
'X-RAY DIFFRACTION' ? 5.288  27.181 686  ? r_lrange_it                    ? ? 
'X-RAY DIFFRACTION' ? 4.883  17.729 627  ? r_lrange_other                 ? ? 
'X-RAY DIFFRACTION' ? 0.129  0.050  378  ? r_ncsr_local_group_1           ? ? 
'X-RAY DIFFRACTION' ? 0.084  0.050  394  ? r_ncsr_local_group_2           ? ? 
'X-RAY DIFFRACTION' ? 0.100  0.050  374  ? r_ncsr_local_group_3           ? ? 
# 
loop_
_refine_ls_restr_ncs.pdbx_refine_id 
_refine_ls_restr_ncs.dom_id 
_refine_ls_restr_ncs.ncs_model_details 
_refine_ls_restr_ncs.rms_dev_B_iso 
_refine_ls_restr_ncs.rms_dev_position 
_refine_ls_restr_ncs.weight_B_iso 
_refine_ls_restr_ncs.weight_position 
_refine_ls_restr_ncs.pdbx_ordinal 
_refine_ls_restr_ncs.pdbx_type 
_refine_ls_restr_ncs.pdbx_asym_id 
_refine_ls_restr_ncs.pdbx_auth_asym_id 
_refine_ls_restr_ncs.pdbx_number 
_refine_ls_restr_ncs.pdbx_rms 
_refine_ls_restr_ncs.pdbx_weight 
_refine_ls_restr_ncs.pdbx_ens_id 
'X-RAY DIFFRACTION' 1 ? ? 0.12868 ? 0.05005 1 'Local ncs' ? A ? ? ? 1 
'X-RAY DIFFRACTION' 2 ? ? 0.12868 ? 0.05005 2 'Local ncs' ? A ? ? ? 1 
'X-RAY DIFFRACTION' 3 ? ? 0.08394 ? 0.05005 3 'Local ncs' ? A ? ? ? 2 
'X-RAY DIFFRACTION' 4 ? ? 0.08394 ? 0.05005 4 'Local ncs' ? A ? ? ? 2 
'X-RAY DIFFRACTION' 5 ? ? 0.10024 ? 0.05006 5 'Local ncs' ? A ? ? ? 3 
'X-RAY DIFFRACTION' 6 ? ? 0.10024 ? 0.05006 6 'Local ncs' ? A ? ? ? 3 
# 
loop_
_refine_ls_shell.pdbx_refine_id 
_refine_ls_shell.d_res_high 
_refine_ls_shell.d_res_low 
_refine_ls_shell.number_reflns_all 
_refine_ls_shell.number_reflns_obs 
_refine_ls_shell.number_reflns_R_free 
_refine_ls_shell.number_reflns_R_work 
_refine_ls_shell.percent_reflns_obs 
_refine_ls_shell.percent_reflns_R_free 
_refine_ls_shell.R_factor_all 
_refine_ls_shell.R_factor_obs 
_refine_ls_shell.R_factor_R_free_error 
_refine_ls_shell.R_factor_R_work 
_refine_ls_shell.redundancy_reflns_all 
_refine_ls_shell.redundancy_reflns_obs 
_refine_ls_shell.wR_factor_all 
_refine_ls_shell.wR_factor_obs 
_refine_ls_shell.wR_factor_R_free 
_refine_ls_shell.wR_factor_R_work 
_refine_ls_shell.pdbx_R_complete 
_refine_ls_shell.pdbx_total_number_of_bins_used 
_refine_ls_shell.pdbx_phase_error 
_refine_ls_shell.pdbx_fsc_work 
_refine_ls_shell.pdbx_fsc_free 
_refine_ls_shell.R_factor_R_free 
'X-RAY DIFFRACTION' 1.450 1.488 . . 37 811 92.2742 . . . . 0.191 . . . . . . . . . . . 0.284 
'X-RAY DIFFRACTION' 1.488 1.528 . . 44 743 94.2515 . . . . 0.192 . . . . . . . . . . . 0.224 
'X-RAY DIFFRACTION' 1.528 1.573 . . 46 753 94.2217 . . . . 0.182 . . . . . . . . . . . 0.191 
'X-RAY DIFFRACTION' 1.573 1.621 . . 29 756 94.5783 . . . . 0.176 . . . . . . . . . . . 0.175 
'X-RAY DIFFRACTION' 1.621 1.674 . . 28 695 95.0066 . . . . 0.178 . . . . . . . . . . . 0.234 
'X-RAY DIFFRACTION' 1.674 1.732 . . 38 715 94.5980 . . . . 0.175 . . . . . . . . . . . 0.218 
'X-RAY DIFFRACTION' 1.732 1.798 . . 35 699 96.1992 . . . . 0.188 . . . . . . . . . . . 0.213 
'X-RAY DIFFRACTION' 1.798 1.871 . . 29 632 95.6585 . . . . 0.179 . . . . . . . . . . . 0.214 
'X-RAY DIFFRACTION' 1.871 1.954 . . 22 644 95.4155 . . . . 0.188 . . . . . . . . . . . 0.193 
'X-RAY DIFFRACTION' 1.954 2.049 . . 18 601 96.8701 . . . . 0.170 . . . . . . . . . . . 0.161 
'X-RAY DIFFRACTION' 2.049 2.159 . . 38 587 96.4506 . . . . 0.166 . . . . . . . . . . . 0.221 
'X-RAY DIFFRACTION' 2.159 2.289 . . 25 563 96.8699 . . . . 0.167 . . . . . . . . . . . 0.224 
'X-RAY DIFFRACTION' 2.289 2.446 . . 26 524 96.8310 . . . . 0.179 . . . . . . . . . . . 0.229 
'X-RAY DIFFRACTION' 2.446 2.641 . . 17 486 96.5451 . . . . 0.185 . . . . . . . . . . . 0.180 
'X-RAY DIFFRACTION' 2.641 2.891 . . 17 460 97.3469 . . . . 0.208 . . . . . . . . . . . 0.270 
'X-RAY DIFFRACTION' 2.891 3.229 . . 24 401 97.7011 . . . . 0.205 . . . . . . . . . . . 0.262 
'X-RAY DIFFRACTION' 3.229 3.723 . . 17 378 98.5037 . . . . 0.180 . . . . . . . . . . . 0.222 
'X-RAY DIFFRACTION' 3.723 4.544 . . 29 307 98.5337 . . . . 0.172 . . . . . . . . . . . 0.190 
'X-RAY DIFFRACTION' 4.544 6.364 . . 9  254 97.7695 . . . . 0.222 . . . . . . . . . . . 0.275 
'X-RAY DIFFRACTION' 6.364 32.28 . . 3  166 96.0227 . . . . 0.442 . . . . . . . . . . . 0.396 
# 
loop_
_struct_ncs_dom.id 
_struct_ncs_dom.pdbx_ens_id 
_struct_ncs_dom.details 
1 1 A 
2 1 A 
3 2 A 
4 2 A 
5 3 A 
6 3 A 
# 
loop_
_struct_ncs_dom_lim.pdbx_ens_id 
_struct_ncs_dom_lim.dom_id 
_struct_ncs_dom_lim.pdbx_component_id 
_struct_ncs_dom_lim.beg_label_asym_id 
_struct_ncs_dom_lim.beg_label_comp_id 
_struct_ncs_dom_lim.beg_label_seq_id 
_struct_ncs_dom_lim.beg_label_alt_id 
_struct_ncs_dom_lim.end_label_asym_id 
_struct_ncs_dom_lim.end_label_comp_id 
_struct_ncs_dom_lim.end_label_seq_id 
_struct_ncs_dom_lim.end_label_alt_id 
_struct_ncs_dom_lim.beg_auth_asym_id 
_struct_ncs_dom_lim.beg_auth_comp_id 
_struct_ncs_dom_lim.beg_auth_seq_id 
_struct_ncs_dom_lim.end_auth_asym_id 
_struct_ncs_dom_lim.end_auth_comp_id 
_struct_ncs_dom_lim.end_auth_seq_id 
_struct_ncs_dom_lim.pdbx_refine_code 
_struct_ncs_dom_lim.selection_details 
1 1 1 A GLY 3 . A HYP 23 . A GLY 3 A HYP 23 ? ? 
1 2 1 A GLY 3 . A HYP 23 . A GLY 3 A HYP 23 ? ? 
2 3 2 A GLY 3 . A GLY 24 . A GLY 3 A GLY 24 ? ? 
2 4 2 A GLY 3 . A GLY 24 . A GLY 3 A GLY 24 ? ? 
3 5 3 A GLY 3 . A HYP 23 . A GLY 3 A HYP 23 ? ? 
3 6 3 A GLY 3 . A HYP 23 . A GLY 3 A HYP 23 ? ? 
# 
loop_
_struct_ncs_ens.id 
_struct_ncs_ens.details 
1 'Local NCS retraints between domains:       1       2' 
2 'Local NCS retraints between domains:       3       4' 
3 'Local NCS retraints between domains:       5       6' 
# 
_struct.entry_id                     9J1T 
_struct.title                        'Structure of a triple-helix region of human Collagen type IV from Trautec' 
_struct.pdbx_model_details           ? 
_struct.pdbx_formula_weight          ? 
_struct.pdbx_formula_weight_method   ? 
_struct.pdbx_model_type_details      ? 
_struct.pdbx_CASP_flag               N 
# 
_struct_keywords.entry_id        9J1T 
_struct_keywords.text            'Human collagen IV, Triple-helix, STRUCTURAL PROTEIN' 
_struct_keywords.pdbx_keywords   'STRUCTURAL PROTEIN' 
# 
loop_
_struct_asym.id 
_struct_asym.pdbx_blank_PDB_chainid_flag 
_struct_asym.pdbx_modified 
_struct_asym.entity_id 
_struct_asym.details 
A N N 1 ? 
B N N 1 ? 
C N N 1 ? 
D N N 2 ? 
E N N 3 ? 
F N N 3 ? 
G N N 3 ? 
# 
_struct_ref.id                         1 
_struct_ref.db_name                    PDB 
_struct_ref.db_code                    9J1T 
_struct_ref.pdbx_db_accession          9J1T 
_struct_ref.pdbx_db_isoform            ? 
_struct_ref.entity_id                  1 
_struct_ref.pdbx_seq_one_letter_code   ? 
_struct_ref.pdbx_align_begin           1 
# 
loop_
_struct_ref_seq.align_id 
_struct_ref_seq.ref_id 
_struct_ref_seq.pdbx_PDB_id_code 
_struct_ref_seq.pdbx_strand_id 
_struct_ref_seq.seq_align_beg 
_struct_ref_seq.pdbx_seq_align_beg_ins_code 
_struct_ref_seq.seq_align_end 
_struct_ref_seq.pdbx_seq_align_end_ins_code 
_struct_ref_seq.pdbx_db_accession 
_struct_ref_seq.db_align_beg 
_struct_ref_seq.pdbx_db_align_beg_ins_code 
_struct_ref_seq.db_align_end 
_struct_ref_seq.pdbx_db_align_end_ins_code 
_struct_ref_seq.pdbx_auth_seq_align_beg 
_struct_ref_seq.pdbx_auth_seq_align_end 
1 1 9J1T A 1 ? 27 ? 9J1T 1 ? 27 ? 1 27 
2 1 9J1T B 1 ? 27 ? 9J1T 1 ? 27 ? 1 27 
3 1 9J1T C 1 ? 27 ? 9J1T 1 ? 27 ? 1 27 
# 
_pdbx_struct_assembly.id                   1 
_pdbx_struct_assembly.details              author_and_software_defined_assembly 
_pdbx_struct_assembly.method_details       PISA 
_pdbx_struct_assembly.oligomeric_details   trimeric 
_pdbx_struct_assembly.oligomeric_count     3 
# 
loop_
_pdbx_struct_assembly_prop.biol_id 
_pdbx_struct_assembly_prop.type 
_pdbx_struct_assembly_prop.value 
_pdbx_struct_assembly_prop.details 
1 'ABSA (A^2)' 4880 ? 
1 MORE         -18  ? 
1 'SSA (A^2)'  4250 ? 
# 
_pdbx_struct_assembly_gen.assembly_id       1 
_pdbx_struct_assembly_gen.oper_expression   1 
_pdbx_struct_assembly_gen.asym_id_list      A,B,C,D,E,F,G 
# 
_pdbx_struct_assembly_auth_evidence.id                     1 
_pdbx_struct_assembly_auth_evidence.assembly_id            1 
_pdbx_struct_assembly_auth_evidence.experimental_support   homology 
_pdbx_struct_assembly_auth_evidence.details                ? 
# 
_pdbx_struct_oper_list.id                   1 
_pdbx_struct_oper_list.type                 'identity operation' 
_pdbx_struct_oper_list.name                 1_555 
_pdbx_struct_oper_list.symmetry_operation   x,y,z 
_pdbx_struct_oper_list.matrix[1][1]         1.0000000000 
_pdbx_struct_oper_list.matrix[1][2]         0.0000000000 
_pdbx_struct_oper_list.matrix[1][3]         0.0000000000 
_pdbx_struct_oper_list.vector[1]            0.0000000000 
_pdbx_struct_oper_list.matrix[2][1]         0.0000000000 
_pdbx_struct_oper_list.matrix[2][2]         1.0000000000 
_pdbx_struct_oper_list.matrix[2][3]         0.0000000000 
_pdbx_struct_oper_list.vector[2]            0.0000000000 
_pdbx_struct_oper_list.matrix[3][1]         0.0000000000 
_pdbx_struct_oper_list.matrix[3][2]         0.0000000000 
_pdbx_struct_oper_list.matrix[3][3]         1.0000000000 
_pdbx_struct_oper_list.vector[3]            0.0000000000 
# 
loop_
_struct_conn.id 
_struct_conn.conn_type_id 
_struct_conn.pdbx_leaving_atom_flag 
_struct_conn.pdbx_PDB_id 
_struct_conn.ptnr1_label_asym_id 
_struct_conn.ptnr1_label_comp_id 
_struct_conn.ptnr1_label_seq_id 
_struct_conn.ptnr1_label_atom_id 
_struct_conn.pdbx_ptnr1_label_alt_id 
_struct_conn.pdbx_ptnr1_PDB_ins_code 
_struct_conn.pdbx_ptnr1_standard_comp_id 
_struct_conn.ptnr1_symmetry 
_struct_conn.ptnr2_label_asym_id 
_struct_conn.ptnr2_label_comp_id 
_struct_conn.ptnr2_label_seq_id 
_struct_conn.ptnr2_label_atom_id 
_struct_conn.pdbx_ptnr2_label_alt_id 
_struct_conn.pdbx_ptnr2_PDB_ins_code 
_struct_conn.ptnr1_auth_asym_id 
_struct_conn.ptnr1_auth_comp_id 
_struct_conn.ptnr1_auth_seq_id 
_struct_conn.ptnr2_auth_asym_id 
_struct_conn.ptnr2_auth_comp_id 
_struct_conn.ptnr2_auth_seq_id 
_struct_conn.ptnr2_symmetry 
_struct_conn.pdbx_ptnr3_label_atom_id 
_struct_conn.pdbx_ptnr3_label_seq_id 
_struct_conn.pdbx_ptnr3_label_comp_id 
_struct_conn.pdbx_ptnr3_label_asym_id 
_struct_conn.pdbx_ptnr3_label_alt_id 
_struct_conn.pdbx_ptnr3_PDB_ins_code 
_struct_conn.details 
_struct_conn.pdbx_dist_value 
_struct_conn.pdbx_value_order 
_struct_conn.pdbx_role 
covale1  covale both ? A PRO 4  C ? ? ? 1_555 A HYP 5  N ? ? A PRO 4  A HYP 5  1_555 ? ? ? ? ? ? ? 1.354 ? ? 
covale2  covale both ? A HYP 5  C ? ? ? 1_555 A GLY 6  N ? ? A HYP 5  A GLY 6  1_555 ? ? ? ? ? ? ? 1.331 ? ? 
covale3  covale both ? A PRO 7  C ? ? ? 1_555 A HYP 8  N ? ? A PRO 7  A HYP 8  1_555 ? ? ? ? ? ? ? 1.346 ? ? 
covale4  covale both ? A HYP 8  C ? ? ? 1_555 A GLY 9  N ? ? A HYP 8  A GLY 9  1_555 ? ? ? ? ? ? ? 1.334 ? ? 
covale5  covale both ? A PRO 19 C ? ? ? 1_555 A HYP 20 N ? ? A PRO 19 A HYP 20 1_555 ? ? ? ? ? ? ? 1.344 ? ? 
covale6  covale both ? A HYP 20 C ? ? ? 1_555 A GLY 21 N ? ? A HYP 20 A GLY 21 1_555 ? ? ? ? ? ? ? 1.321 ? ? 
covale7  covale both ? A PRO 22 C ? ? ? 1_555 A HYP 23 N ? ? A PRO 22 A HYP 23 1_555 ? ? ? ? ? ? ? 1.346 ? ? 
covale8  covale both ? A HYP 23 C ? ? ? 1_555 A GLY 24 N ? ? A HYP 23 A GLY 24 1_555 ? ? ? ? ? ? ? 1.331 ? ? 
covale9  covale both ? A PRO 25 C ? ? ? 1_555 A HYP 26 N ? ? A PRO 25 A HYP 26 1_555 ? ? ? ? ? ? ? 1.355 ? ? 
covale10 covale both ? A HYP 26 C ? ? ? 1_555 A GLY 27 N ? ? A HYP 26 A GLY 27 1_555 ? ? ? ? ? ? ? 1.338 ? ? 
covale11 covale both ? B HYP 2  C ? ? ? 1_555 B GLY 3  N ? ? B HYP 2  B GLY 3  1_555 ? ? ? ? ? ? ? 1.330 ? ? 
covale12 covale both ? B PRO 4  C ? ? ? 1_555 B HYP 5  N ? ? B PRO 4  B HYP 5  1_555 ? ? ? ? ? ? ? 1.343 ? ? 
covale13 covale both ? B HYP 5  C ? ? ? 1_555 B GLY 6  N ? ? B HYP 5  B GLY 6  1_555 ? ? ? ? ? ? ? 1.343 ? ? 
covale14 covale both ? B PRO 7  C ? ? ? 1_555 B HYP 8  N ? ? B PRO 7  B HYP 8  1_555 ? ? ? ? ? ? ? 1.349 ? ? 
covale15 covale both ? B HYP 8  C ? ? ? 1_555 B GLY 9  N ? ? B HYP 8  B GLY 9  1_555 ? ? ? ? ? ? ? 1.326 ? ? 
covale16 covale both ? B PRO 19 C ? ? ? 1_555 B HYP 20 N ? ? B PRO 19 B HYP 20 1_555 ? ? ? ? ? ? ? 1.354 ? ? 
covale17 covale both ? B HYP 20 C ? ? ? 1_555 B GLY 21 N ? ? B HYP 20 B GLY 21 1_555 ? ? ? ? ? ? ? 1.326 ? ? 
covale18 covale both ? B PRO 22 C ? ? ? 1_555 B HYP 23 N ? ? B PRO 22 B HYP 23 1_555 ? ? ? ? ? ? ? 1.347 ? ? 
covale19 covale both ? B HYP 23 C ? ? ? 1_555 B GLY 24 N ? ? B HYP 23 B GLY 24 1_555 ? ? ? ? ? ? ? 1.339 ? ? 
covale20 covale both ? C PRO 4  C ? ? ? 1_555 C HYP 5  N ? ? C PRO 4  C HYP 5  1_555 ? ? ? ? ? ? ? 1.344 ? ? 
covale21 covale both ? C HYP 5  C ? ? ? 1_555 C GLY 6  N ? ? C HYP 5  C GLY 6  1_555 ? ? ? ? ? ? ? 1.332 ? ? 
covale22 covale both ? C PRO 7  C ? ? ? 1_555 C HYP 8  N ? ? C PRO 7  C HYP 8  1_555 ? ? ? ? ? ? ? 1.352 ? ? 
covale23 covale both ? C HYP 8  C ? ? ? 1_555 C GLY 9  N ? ? C HYP 8  C GLY 9  1_555 ? ? ? ? ? ? ? 1.332 ? ? 
covale24 covale both ? C PRO 19 C ? ? ? 1_555 C HYP 20 N ? ? C PRO 19 C HYP 20 1_555 ? ? ? ? ? ? ? 1.343 ? ? 
covale25 covale both ? C HYP 20 C ? ? ? 1_555 C GLY 21 N ? ? C HYP 20 C GLY 21 1_555 ? ? ? ? ? ? ? 1.326 ? ? 
covale26 covale both ? C PRO 22 C ? ? ? 1_555 C HYP 23 N ? ? C PRO 22 C HYP 23 1_555 ? ? ? ? ? ? ? 1.344 ? ? 
covale27 covale both ? C HYP 23 C ? ? ? 1_555 C GLY 24 N ? ? C HYP 23 C GLY 24 1_555 ? ? ? ? ? ? ? 1.331 ? ? 
# 
_struct_conn_type.id          covale 
_struct_conn_type.criteria    ? 
_struct_conn_type.reference   ? 
# 
_pdbx_validate_close_contact.id               1 
_pdbx_validate_close_contact.PDB_model_num    1 
_pdbx_validate_close_contact.auth_atom_id_1   O 
_pdbx_validate_close_contact.auth_asym_id_1   A 
_pdbx_validate_close_contact.auth_comp_id_1   HOH 
_pdbx_validate_close_contact.auth_seq_id_1    125 
_pdbx_validate_close_contact.PDB_ins_code_1   ? 
_pdbx_validate_close_contact.label_alt_id_1   ? 
_pdbx_validate_close_contact.auth_atom_id_2   O 
_pdbx_validate_close_contact.auth_asym_id_2   C 
_pdbx_validate_close_contact.auth_comp_id_2   HOH 
_pdbx_validate_close_contact.auth_seq_id_2    112 
_pdbx_validate_close_contact.PDB_ins_code_2   ? 
_pdbx_validate_close_contact.label_alt_id_2   ? 
_pdbx_validate_close_contact.dist             2.11 
# 
_pdbx_entry_details.entry_id                 9J1T 
_pdbx_entry_details.has_ligand_of_interest   Y 
_pdbx_entry_details.compound_details         ? 
_pdbx_entry_details.source_details           ? 
_pdbx_entry_details.nonpolymer_details       ? 
_pdbx_entry_details.sequence_details         ? 
# 
loop_
_pdbx_unobs_or_zero_occ_residues.id 
_pdbx_unobs_or_zero_occ_residues.PDB_model_num 
_pdbx_unobs_or_zero_occ_residues.polymer_flag 
_pdbx_unobs_or_zero_occ_residues.occupancy_flag 
_pdbx_unobs_or_zero_occ_residues.auth_asym_id 
_pdbx_unobs_or_zero_occ_residues.auth_comp_id 
_pdbx_unobs_or_zero_occ_residues.auth_seq_id 
_pdbx_unobs_or_zero_occ_residues.PDB_ins_code 
_pdbx_unobs_or_zero_occ_residues.label_asym_id 
_pdbx_unobs_or_zero_occ_residues.label_comp_id 
_pdbx_unobs_or_zero_occ_residues.label_seq_id 
1  1 Y 1 A PRO 1  ? A PRO 1  
2  1 Y 1 A HYP 2  ? A HYP 2  
3  1 Y 1 B PRO 1  ? B PRO 1  
4  1 Y 1 B PRO 25 ? B PRO 25 
5  1 Y 1 B HYP 26 ? B HYP 26 
6  1 Y 1 B GLY 27 ? B GLY 27 
7  1 Y 1 C PRO 1  ? C PRO 1  
8  1 Y 1 C HYP 2  ? C HYP 2  
9  1 Y 1 C HYP 26 ? C HYP 26 
10 1 Y 1 C GLY 27 ? C GLY 27 
# 
loop_
_chem_comp_atom.comp_id 
_chem_comp_atom.atom_id 
_chem_comp_atom.type_symbol 
_chem_comp_atom.pdbx_aromatic_flag 
_chem_comp_atom.pdbx_stereo_config 
_chem_comp_atom.pdbx_ordinal 
ARG N    N N N 1   
ARG CA   C N S 2   
ARG C    C N N 3   
ARG O    O N N 4   
ARG CB   C N N 5   
ARG CG   C N N 6   
ARG CD   C N N 7   
ARG NE   N N N 8   
ARG CZ   C N N 9   
ARG NH1  N N N 10  
ARG NH2  N N N 11  
ARG OXT  O N N 12  
ARG H    H N N 13  
ARG H2   H N N 14  
ARG HA   H N N 15  
ARG HB2  H N N 16  
ARG HB3  H N N 17  
ARG HG2  H N N 18  
ARG HG3  H N N 19  
ARG HD2  H N N 20  
ARG HD3  H N N 21  
ARG HE   H N N 22  
ARG HH11 H N N 23  
ARG HH12 H N N 24  
ARG HH21 H N N 25  
ARG HH22 H N N 26  
ARG HXT  H N N 27  
GLU N    N N N 28  
GLU CA   C N S 29  
GLU C    C N N 30  
GLU O    O N N 31  
GLU CB   C N N 32  
GLU CG   C N N 33  
GLU CD   C N N 34  
GLU OE1  O N N 35  
GLU OE2  O N N 36  
GLU OXT  O N N 37  
GLU H    H N N 38  
GLU H2   H N N 39  
GLU HA   H N N 40  
GLU HB2  H N N 41  
GLU HB3  H N N 42  
GLU HG2  H N N 43  
GLU HG3  H N N 44  
GLU HE2  H N N 45  
GLU HXT  H N N 46  
GLY N    N N N 47  
GLY CA   C N N 48  
GLY C    C N N 49  
GLY O    O N N 50  
GLY OXT  O N N 51  
GLY H    H N N 52  
GLY H2   H N N 53  
GLY HA2  H N N 54  
GLY HA3  H N N 55  
GLY HXT  H N N 56  
GOL C1   C N N 57  
GOL O1   O N N 58  
GOL C2   C N N 59  
GOL O2   O N N 60  
GOL C3   C N N 61  
GOL O3   O N N 62  
GOL H11  H N N 63  
GOL H12  H N N 64  
GOL HO1  H N N 65  
GOL H2   H N N 66  
GOL HO2  H N N 67  
GOL H31  H N N 68  
GOL H32  H N N 69  
GOL HO3  H N N 70  
HOH O    O N N 71  
HOH H1   H N N 72  
HOH H2   H N N 73  
HYP N    N N N 74  
HYP CA   C N S 75  
HYP C    C N N 76  
HYP O    O N N 77  
HYP CB   C N N 78  
HYP CG   C N R 79  
HYP CD   C N N 80  
HYP OD1  O N N 81  
HYP OXT  O N N 82  
HYP H    H N N 83  
HYP HA   H N N 84  
HYP HB2  H N N 85  
HYP HB3  H N N 86  
HYP HG   H N N 87  
HYP HD22 H N N 88  
HYP HD23 H N N 89  
HYP HD1  H N N 90  
HYP HXT  H N N 91  
LYS N    N N N 92  
LYS CA   C N S 93  
LYS C    C N N 94  
LYS O    O N N 95  
LYS CB   C N N 96  
LYS CG   C N N 97  
LYS CD   C N N 98  
LYS CE   C N N 99  
LYS NZ   N N N 100 
LYS OXT  O N N 101 
LYS H    H N N 102 
LYS H2   H N N 103 
LYS HA   H N N 104 
LYS HB2  H N N 105 
LYS HB3  H N N 106 
LYS HG2  H N N 107 
LYS HG3  H N N 108 
LYS HD2  H N N 109 
LYS HD3  H N N 110 
LYS HE2  H N N 111 
LYS HE3  H N N 112 
LYS HZ1  H N N 113 
LYS HZ2  H N N 114 
LYS HZ3  H N N 115 
LYS HXT  H N N 116 
PRO N    N N N 117 
PRO CA   C N S 118 
PRO C    C N N 119 
PRO O    O N N 120 
PRO CB   C N N 121 
PRO CG   C N N 122 
PRO CD   C N N 123 
PRO OXT  O N N 124 
PRO H    H N N 125 
PRO HA   H N N 126 
PRO HB2  H N N 127 
PRO HB3  H N N 128 
PRO HG2  H N N 129 
PRO HG3  H N N 130 
PRO HD2  H N N 131 
PRO HD3  H N N 132 
PRO HXT  H N N 133 
TYR N    N N N 134 
TYR CA   C N S 135 
TYR C    C N N 136 
TYR O    O N N 137 
TYR CB   C N N 138 
TYR CG   C Y N 139 
TYR CD1  C Y N 140 
TYR CD2  C Y N 141 
TYR CE1  C Y N 142 
TYR CE2  C Y N 143 
TYR CZ   C Y N 144 
TYR OH   O N N 145 
TYR OXT  O N N 146 
TYR H    H N N 147 
TYR H2   H N N 148 
TYR HA   H N N 149 
TYR HB2  H N N 150 
TYR HB3  H N N 151 
TYR HD1  H N N 152 
TYR HD2  H N N 153 
TYR HE1  H N N 154 
TYR HE2  H N N 155 
TYR HH   H N N 156 
TYR HXT  H N N 157 
# 
loop_
_chem_comp_bond.comp_id 
_chem_comp_bond.atom_id_1 
_chem_comp_bond.atom_id_2 
_chem_comp_bond.value_order 
_chem_comp_bond.pdbx_aromatic_flag 
_chem_comp_bond.pdbx_stereo_config 
_chem_comp_bond.pdbx_ordinal 
ARG N   CA   sing N N 1   
ARG N   H    sing N N 2   
ARG N   H2   sing N N 3   
ARG CA  C    sing N N 4   
ARG CA  CB   sing N N 5   
ARG CA  HA   sing N N 6   
ARG C   O    doub N N 7   
ARG C   OXT  sing N N 8   
ARG CB  CG   sing N N 9   
ARG CB  HB2  sing N N 10  
ARG CB  HB3  sing N N 11  
ARG CG  CD   sing N N 12  
ARG CG  HG2  sing N N 13  
ARG CG  HG3  sing N N 14  
ARG CD  NE   sing N N 15  
ARG CD  HD2  sing N N 16  
ARG CD  HD3  sing N N 17  
ARG NE  CZ   sing N N 18  
ARG NE  HE   sing N N 19  
ARG CZ  NH1  sing N N 20  
ARG CZ  NH2  doub N N 21  
ARG NH1 HH11 sing N N 22  
ARG NH1 HH12 sing N N 23  
ARG NH2 HH21 sing N N 24  
ARG NH2 HH22 sing N N 25  
ARG OXT HXT  sing N N 26  
GLU N   CA   sing N N 27  
GLU N   H    sing N N 28  
GLU N   H2   sing N N 29  
GLU CA  C    sing N N 30  
GLU CA  CB   sing N N 31  
GLU CA  HA   sing N N 32  
GLU C   O    doub N N 33  
GLU C   OXT  sing N N 34  
GLU CB  CG   sing N N 35  
GLU CB  HB2  sing N N 36  
GLU CB  HB3  sing N N 37  
GLU CG  CD   sing N N 38  
GLU CG  HG2  sing N N 39  
GLU CG  HG3  sing N N 40  
GLU CD  OE1  doub N N 41  
GLU CD  OE2  sing N N 42  
GLU OE2 HE2  sing N N 43  
GLU OXT HXT  sing N N 44  
GLY N   CA   sing N N 45  
GLY N   H    sing N N 46  
GLY N   H2   sing N N 47  
GLY CA  C    sing N N 48  
GLY CA  HA2  sing N N 49  
GLY CA  HA3  sing N N 50  
GLY C   O    doub N N 51  
GLY C   OXT  sing N N 52  
GLY OXT HXT  sing N N 53  
GOL C1  O1   sing N N 54  
GOL C1  C2   sing N N 55  
GOL C1  H11  sing N N 56  
GOL C1  H12  sing N N 57  
GOL O1  HO1  sing N N 58  
GOL C2  O2   sing N N 59  
GOL C2  C3   sing N N 60  
GOL C2  H2   sing N N 61  
GOL O2  HO2  sing N N 62  
GOL C3  O3   sing N N 63  
GOL C3  H31  sing N N 64  
GOL C3  H32  sing N N 65  
GOL O3  HO3  sing N N 66  
HOH O   H1   sing N N 67  
HOH O   H2   sing N N 68  
HYP N   CA   sing N N 69  
HYP N   CD   sing N N 70  
HYP N   H    sing N N 71  
HYP CA  C    sing N N 72  
HYP CA  CB   sing N N 73  
HYP CA  HA   sing N N 74  
HYP C   O    doub N N 75  
HYP C   OXT  sing N N 76  
HYP CB  CG   sing N N 77  
HYP CB  HB2  sing N N 78  
HYP CB  HB3  sing N N 79  
HYP CG  CD   sing N N 80  
HYP CG  OD1  sing N N 81  
HYP CG  HG   sing N N 82  
HYP CD  HD22 sing N N 83  
HYP CD  HD23 sing N N 84  
HYP OD1 HD1  sing N N 85  
HYP OXT HXT  sing N N 86  
LYS N   CA   sing N N 87  
LYS N   H    sing N N 88  
LYS N   H2   sing N N 89  
LYS CA  C    sing N N 90  
LYS CA  CB   sing N N 91  
LYS CA  HA   sing N N 92  
LYS C   O    doub N N 93  
LYS C   OXT  sing N N 94  
LYS CB  CG   sing N N 95  
LYS CB  HB2  sing N N 96  
LYS CB  HB3  sing N N 97  
LYS CG  CD   sing N N 98  
LYS CG  HG2  sing N N 99  
LYS CG  HG3  sing N N 100 
LYS CD  CE   sing N N 101 
LYS CD  HD2  sing N N 102 
LYS CD  HD3  sing N N 103 
LYS CE  NZ   sing N N 104 
LYS CE  HE2  sing N N 105 
LYS CE  HE3  sing N N 106 
LYS NZ  HZ1  sing N N 107 
LYS NZ  HZ2  sing N N 108 
LYS NZ  HZ3  sing N N 109 
LYS OXT HXT  sing N N 110 
PRO N   CA   sing N N 111 
PRO N   CD   sing N N 112 
PRO N   H    sing N N 113 
PRO CA  C    sing N N 114 
PRO CA  CB   sing N N 115 
PRO CA  HA   sing N N 116 
PRO C   O    doub N N 117 
PRO C   OXT  sing N N 118 
PRO CB  CG   sing N N 119 
PRO CB  HB2  sing N N 120 
PRO CB  HB3  sing N N 121 
PRO CG  CD   sing N N 122 
PRO CG  HG2  sing N N 123 
PRO CG  HG3  sing N N 124 
PRO CD  HD2  sing N N 125 
PRO CD  HD3  sing N N 126 
PRO OXT HXT  sing N N 127 
TYR N   CA   sing N N 128 
TYR N   H    sing N N 129 
TYR N   H2   sing N N 130 
TYR CA  C    sing N N 131 
TYR CA  CB   sing N N 132 
TYR CA  HA   sing N N 133 
TYR C   O    doub N N 134 
TYR C   OXT  sing N N 135 
TYR CB  CG   sing N N 136 
TYR CB  HB2  sing N N 137 
TYR CB  HB3  sing N N 138 
TYR CG  CD1  doub Y N 139 
TYR CG  CD2  sing Y N 140 
TYR CD1 CE1  sing Y N 141 
TYR CD1 HD1  sing N N 142 
TYR CD2 CE2  doub Y N 143 
TYR CD2 HD2  sing N N 144 
TYR CE1 CZ   doub Y N 145 
TYR CE1 HE1  sing N N 146 
TYR CE2 CZ   sing Y N 147 
TYR CE2 HE2  sing N N 148 
TYR CZ  OH   sing N N 149 
TYR OH  HH   sing N N 150 
TYR OXT HXT  sing N N 151 
# 
_pdbx_audit_support.funding_organization   'Jiangsu Trautec Medical Technology Co.,Ltd' 
_pdbx_audit_support.country                ? 
_pdbx_audit_support.grant_number           CQ20230004/CE20235002/CQ20230005 
_pdbx_audit_support.ordinal                1 
# 
loop_
_pdbx_entity_instance_feature.ordinal 
_pdbx_entity_instance_feature.comp_id 
_pdbx_entity_instance_feature.asym_id 
_pdbx_entity_instance_feature.seq_num 
_pdbx_entity_instance_feature.auth_comp_id 
_pdbx_entity_instance_feature.auth_asym_id 
_pdbx_entity_instance_feature.auth_seq_num 
_pdbx_entity_instance_feature.feature_type 
_pdbx_entity_instance_feature.details 
1 HYP ? ? HYP ? ? 'SUBJECT OF INVESTIGATION' ? 
2 GOL ? ? GOL ? ? 'SUBJECT OF INVESTIGATION' ? 
# 
_pdbx_initial_refinement_model.id               1 
_pdbx_initial_refinement_model.entity_id_list   ? 
_pdbx_initial_refinement_model.type             'experimental model' 
_pdbx_initial_refinement_model.source_name      PDB 
_pdbx_initial_refinement_model.accession_code   1K6F 
_pdbx_initial_refinement_model.details          ? 
# 
_atom_sites.entry_id                    9J1T 
_atom_sites.Cartn_transf_matrix[1][1]   ? 
_atom_sites.Cartn_transf_matrix[1][2]   ? 
_atom_sites.Cartn_transf_matrix[1][3]   ? 
_atom_sites.Cartn_transf_matrix[2][1]   ? 
_atom_sites.Cartn_transf_matrix[2][2]   ? 
_atom_sites.Cartn_transf_matrix[2][3]   ? 
_atom_sites.Cartn_transf_matrix[3][1]   ? 
_atom_sites.Cartn_transf_matrix[3][2]   ? 
_atom_sites.Cartn_transf_matrix[3][3]   ? 
_atom_sites.Cartn_transf_vector[1]      ? 
_atom_sites.Cartn_transf_vector[2]      ? 
_atom_sites.Cartn_transf_vector[3]      ? 
_atom_sites.Cartn_transform_axes        ? 
_atom_sites.fract_transf_matrix[1][1]   -0.01543901 
_atom_sites.fract_transf_matrix[1][2]   -0.01663160 
_atom_sites.fract_transf_matrix[1][3]   0.02634672 
_atom_sites.fract_transf_matrix[2][1]   0.04722311 
_atom_sites.fract_transf_matrix[2][2]   0.00459422 
_atom_sites.fract_transf_matrix[2][3]   0.03057258 
_atom_sites.fract_transf_matrix[3][1]   -0.00620770 
_atom_sites.fract_transf_matrix[3][2]   0.01184658 
_atom_sites.fract_transf_matrix[3][3]   0.00780834 
_atom_sites.fract_transf_vector[1]      0.270244 
_atom_sites.fract_transf_vector[2]      -0.109090 
_atom_sites.fract_transf_vector[3]      0.008183 
_atom_sites.solution_primary            ? 
_atom_sites.solution_secondary          ? 
_atom_sites.solution_hydrogens          ? 
_atom_sites.special_details             ? 
# 
loop_
_atom_type.symbol 
_atom_type.pdbx_scat_Z 
_atom_type.pdbx_N_electrons 
_atom_type.scat_Cromer_Mann_a1 
_atom_type.scat_Cromer_Mann_b1 
_atom_type.scat_Cromer_Mann_a2 
_atom_type.scat_Cromer_Mann_b2 
_atom_type.scat_Cromer_Mann_a3 
_atom_type.scat_Cromer_Mann_b3 
_atom_type.scat_Cromer_Mann_a4 
_atom_type.scat_Cromer_Mann_b4 
C 6 6 2.3103  20.8439 1.0201 10.2075 1.5888 0.5687  0.8651 51.6512 
H 1 1 0.4930  10.5109 0.3229 26.1257 0.1402 3.1424  0.0408 57.7997 
N 7 7 12.2220 0.0057  3.1346 9.8933  2.0141 28.9975 1.1672 0.5826  
O 8 8 3.0487  13.2771 2.2870 5.7011  1.5464 0.3239  0.8671 32.9089 
# 
loop_
_atom_site.group_PDB 
_atom_site.id 
_atom_site.type_symbol 
_atom_site.label_atom_id 
_atom_site.label_alt_id 
_atom_site.label_comp_id 
_atom_site.label_asym_id 
_atom_site.label_entity_id 
_atom_site.label_seq_id 
_atom_site.pdbx_PDB_ins_code 
_atom_site.Cartn_x 
_atom_site.Cartn_y 
_atom_site.Cartn_z 
_atom_site.occupancy 
_atom_site.B_iso_or_equiv 
_atom_site.pdbx_formal_charge 
_atom_site.auth_seq_id 
_atom_site.auth_comp_id 
_atom_site.auth_asym_id 
_atom_site.auth_atom_id 
_atom_site.pdbx_PDB_model_num 
_atom_site.calc_flag 
ATOM   1   N N   . GLY A 1 3  ? -17.890 6.805   29.515  1.000 45.549 0 3   GLY A N   1 ? 
ATOM   2   C CA  . GLY A 1 3  ? -18.419 6.519   28.160  1.000 43.917 0 3   GLY A CA  1 ? 
ATOM   3   C C   . GLY A 1 3  ? -17.519 5.536   27.410  1.000 39.880 0 3   GLY A C   1 ? 
ATOM   4   O O   . GLY A 1 3  ? -16.314 5.511   27.656  1.000 40.214 0 3   GLY A O   1 ? 
ATOM   5   N N   . PRO A 1 4  ? -18.069 4.704   26.492  1.000 36.252 0 4   PRO A N   1 ? 
ATOM   6   C CA  . PRO A 1 4  ? -17.277 3.666   25.830  1.000 36.675 0 4   PRO A CA  1 ? 
ATOM   7   C C   . PRO A 1 4  ? -16.333 4.244   24.789  1.000 36.804 0 4   PRO A C   1 ? 
ATOM   8   O O   . PRO A 1 4  ? -16.502 5.376   24.326  1.000 33.063 0 4   PRO A O   1 ? 
ATOM   9   C CB  . PRO A 1 4  ? -18.280 2.717   25.172  1.000 39.000 0 4   PRO A CB  1 ? 
ATOM   10  C CG  . PRO A 1 4  ? -19.562 3.518   25.079  1.000 40.714 0 4   PRO A CG  1 ? 
ATOM   11  C CD  . PRO A 1 4  ? -19.453 4.740   26.001  1.000 37.130 0 4   PRO A CD  1 ? 
HETATM 12  N N   . HYP A 1 5  ? -15.308 3.459   24.381  1.000 31.185 0 5   HYP A N   1 ? 
HETATM 13  C CA  . HYP A 1 5  ? -14.384 3.915   23.348  1.000 30.331 0 5   HYP A CA  1 ? 
HETATM 14  C C   . HYP A 1 5  ? -15.113 4.280   22.062  1.000 24.439 0 5   HYP A C   1 ? 
HETATM 15  O O   . HYP A 1 5  ? -16.160 3.710   21.735  1.000 27.348 0 5   HYP A O   1 ? 
HETATM 16  C CB  . HYP A 1 5  ? -13.490 2.691   23.129  1.000 30.223 0 5   HYP A CB  1 ? 
HETATM 17  C CG  . HYP A 1 5  ? -13.517 2.000   24.486  1.000 33.024 0 5   HYP A CG  1 ? 
HETATM 18  C CD  . HYP A 1 5  ? -14.968 2.127   24.903  1.000 31.997 0 5   HYP A CD  1 ? 
HETATM 19  O OD1 . HYP A 1 5  ? -12.666 2.696   25.386  1.000 32.684 0 5   HYP A OD1 1 ? 
ATOM   20  N N   . GLY A 1 6  ? -14.520 5.210   21.316  1.000 25.032 0 6   GLY A N   1 ? 
ATOM   21  C CA  . GLY A 1 6  ? -15.053 5.587   20.026  1.000 24.224 0 6   GLY A CA  1 ? 
ATOM   22  C C   . GLY A 1 6  ? -14.797 4.529   18.949  1.000 24.973 0 6   GLY A C   1 ? 
ATOM   23  O O   . GLY A 1 6  ? -14.285 3.448   19.208  1.000 24.308 0 6   GLY A O   1 ? 
ATOM   24  N N   . PRO A 1 7  ? -15.164 4.858   17.700  1.000 25.494 0 7   PRO A N   1 ? 
ATOM   25  C CA  . PRO A 1 7  ? -14.996 3.954   16.571  1.000 25.438 0 7   PRO A CA  1 ? 
ATOM   26  C C   . PRO A 1 7  ? -13.513 3.802   16.237  1.000 23.339 0 7   PRO A C   1 ? 
ATOM   27  O O   . PRO A 1 7  ? -12.697 4.633   16.605  1.000 20.084 0 7   PRO A O   1 ? 
ATOM   28  C CB  . PRO A 1 7  ? -15.778 4.633   15.423  1.000 27.490 0 7   PRO A CB  1 ? 
ATOM   29  C CG  . PRO A 1 7  ? -16.573 5.730   16.077  1.000 29.130 0 7   PRO A CG  1 ? 
ATOM   30  C CD  . PRO A 1 7  ? -15.814 6.127   17.317  1.000 28.231 0 7   PRO A CD  1 ? 
HETATM 31  N N   . HYP A 1 8  ? -13.163 2.768   15.451  1.000 22.789 0 8   HYP A N   1 ? 
HETATM 32  C CA  . HYP A 1 8  ? -11.832 2.716   14.837  1.000 20.571 0 8   HYP A CA  1 ? 
HETATM 33  C C   . HYP A 1 8  ? -11.502 3.979   14.029  1.000 19.408 0 8   HYP A C   1 ? 
HETATM 34  O O   . HYP A 1 8  ? -12.369 4.681   13.498  1.000 19.155 0 8   HYP A O   1 ? 
HETATM 35  C CB  . HYP A 1 8  ? -11.939 1.478   13.939  1.000 22.735 0 8   HYP A CB  1 ? 
HETATM 36  C CG  . HYP A 1 8  ? -13.002 0.612   14.602  1.000 24.897 0 8   HYP A CG  1 ? 
HETATM 37  C CD  . HYP A 1 8  ? -14.009 1.644   15.035  1.000 25.843 0 8   HYP A CD  1 ? 
HETATM 38  O OD1 . HYP A 1 8  ? -12.444 -0.082  15.708  1.000 28.768 0 8   HYP A OD1 1 ? 
ATOM   39  N N   . GLY A 1 9  ? -10.216 4.332   13.995  1.000 14.746 0 9   GLY A N   1 ? 
ATOM   40  C CA  . GLY A 1 9  ? -9.689  5.387   13.160  1.000 13.494 0 9   GLY A CA  1 ? 
ATOM   41  C C   . GLY A 1 9  ? -9.907  5.112   11.668  1.000 11.836 0 9   GLY A C   1 ? 
ATOM   42  O O   . GLY A 1 9  ? -10.378 4.087   11.241  1.000 13.583 0 9   GLY A O   1 ? 
ATOM   43  N N   . GLU A 1 10 ? -9.547  6.110   10.873  1.000 12.798 0 10  GLU A N   1 ? 
ATOM   44  C CA  A GLU A 1 10 ? -9.640  6.088   9.420   0.500 13.640 0 10  GLU A CA  1 ? 
ATOM   45  C CA  B GLU A 1 10 ? -9.670  6.060   9.423   0.500 13.061 0 10  GLU A CA  1 ? 
ATOM   46  C C   . GLU A 1 10 ? -8.734  5.009   8.832   1.000 12.555 0 10  GLU A C   1 ? 
ATOM   47  O O   . GLU A 1 10 ? -7.629  4.788   9.320   1.000 11.755 0 10  GLU A O   1 ? 
ATOM   48  C CB  A GLU A 1 10 ? -9.145  7.466   8.966   0.500 17.549 0 10  GLU A CB  1 ? 
ATOM   49  C CB  B GLU A 1 10 ? -9.286  7.452   8.933   0.500 15.852 0 10  GLU A CB  1 ? 
ATOM   50  C CG  A GLU A 1 10 ? -9.311  7.808   7.492   0.500 19.473 0 10  GLU A CG  1 ? 
ATOM   51  C CG  B GLU A 1 10 ? -9.477  7.750   7.455   0.500 16.499 0 10  GLU A CG  1 ? 
ATOM   52  C CD  A GLU A 1 10 ? -8.461  9.015   7.095   0.500 21.877 0 10  GLU A CD  1 ? 
ATOM   53  C CD  B GLU A 1 10 ? -9.073  9.203   7.205   0.500 17.698 0 10  GLU A CD  1 ? 
ATOM   54  O OE1 A GLU A 1 10 ? -7.787  9.600   7.978   0.500 24.643 0 10  GLU A OE1 1 ? 
ATOM   55  O OE1 B GLU A 1 10 ? -7.947  9.471   6.726   0.500 19.586 0 10  GLU A OE1 1 ? 
ATOM   56  O OE2 A GLU A 1 10 ? -8.403  9.345   5.888   0.500 25.419 0 10  GLU A OE2 1 ? 
ATOM   57  O OE2 B GLU A 1 10 ? -9.888  10.089  7.565   0.500 20.326 0 10  GLU A OE2 1 ? 
ATOM   58  N N   . LYS A 1 11 ? -9.157  4.461   7.723   1.000 10.024 0 11  LYS A N   1 ? 
ATOM   59  C CA  . LYS A 1 11 ? -8.376  3.562   6.872   1.000 8.693  0 11  LYS A CA  1 ? 
ATOM   60  C C   . LYS A 1 11 ? -7.076  4.270   6.544   1.000 9.651  0 11  LYS A C   1 ? 
ATOM   61  O O   . LYS A 1 11 ? -7.067  5.416   6.126   1.000 10.795 0 11  LYS A O   1 ? 
ATOM   62  C CB  . LYS A 1 11 ? -9.208  3.291   5.606   1.000 9.463  0 11  LYS A CB  1 ? 
ATOM   63  C CG  . LYS A 1 11 ? -8.562  2.448   4.554   1.000 10.393 0 11  LYS A CG  1 ? 
ATOM   64  C CD  . LYS A 1 11 ? -8.333  1.016   4.965   1.000 10.197 0 11  LYS A CD  1 ? 
ATOM   65  C CE  . LYS A 1 11 ? -7.971  0.184   3.772   1.000 10.055 0 11  LYS A CE  1 ? 
ATOM   66  N NZ  . LYS A 1 11 ? -7.562  -1.184  4.097   1.000 9.517  0 11  LYS A NZ  1 ? 
ATOM   67  N N   . GLY A 1 12 ? -5.970  3.520   6.649   1.000 8.157  0 12  GLY A N   1 ? 
ATOM   68  C CA  . GLY A 1 12 ? -4.694  4.115   6.335   1.000 7.922  0 12  GLY A CA  1 ? 
ATOM   69  C C   . GLY A 1 12 ? -4.538  4.383   4.838   1.000 8.305  0 12  GLY A C   1 ? 
ATOM   70  O O   . GLY A 1 12 ? -5.297  3.896   3.996   1.000 8.866  0 12  GLY A O   1 ? 
ATOM   71  N N   . GLU A 1 13 ? -3.484  5.109   4.528   1.000 8.854  0 13  GLU A N   1 ? 
ATOM   72  C CA  . GLU A 1 13 ? -3.177  5.455   3.153   1.000 9.585  0 13  GLU A CA  1 ? 
ATOM   73  C C   . GLU A 1 13 ? -2.741  4.204   2.382   1.000 8.884  0 13  GLU A C   1 ? 
ATOM   74  O O   . GLU A 1 13 ? -2.044  3.337   2.909   1.000 9.102  0 13  GLU A O   1 ? 
ATOM   75  C CB  . GLU A 1 13 ? -1.975  6.382   3.136   1.000 13.219 0 13  GLU A CB  1 ? 
ATOM   76  C CG  . GLU A 1 13 ? -2.282  7.855   3.332   1.000 18.412 0 13  GLU A CG  1 ? 
ATOM   77  C CD  . GLU A 1 13 ? -1.200  8.748   2.696   1.000 20.883 0 13  GLU A CD  1 ? 
ATOM   78  O OE1 . GLU A 1 13 ? -0.053  8.350   2.342   1.000 23.706 0 13  GLU A OE1 1 ? 
ATOM   79  O OE2 . GLU A 1 13 ? -1.576  9.870   2.526   1.000 30.921 0 13  GLU A OE2 1 ? 
ATOM   80  N N   . ARG A 1 14 ? -3.135  4.108   1.118   1.000 8.292  0 14  ARG A N   1 ? 
ATOM   81  C CA  . ARG A 1 14 ? -2.632  3.065   0.258   1.000 7.757  0 14  ARG A CA  1 ? 
ATOM   82  C C   . ARG A 1 14 ? -1.115  3.136   0.197   1.000 8.362  0 14  ARG A C   1 ? 
ATOM   83  O O   . ARG A 1 14 ? -0.527  4.210   0.186   1.000 9.130  0 14  ARG A O   1 ? 
ATOM   84  C CB  . ARG A 1 14 ? -3.271  3.208   -1.126  1.000 8.119  0 14  ARG A CB  1 ? 
ATOM   85  C CG  . ARG A 1 14 ? -2.833  2.152   -2.100  1.000 8.436  0 14  ARG A CG  1 ? 
ATOM   86  C CD  . ARG A 1 14 ? -3.620  2.260   -3.408  1.000 9.137  0 14  ARG A CD  1 ? 
ATOM   87  N NE  . ARG A 1 14 ? -5.002  1.814   -3.383  1.000 11.215 0 14  ARG A NE  1 ? 
ATOM   88  C CZ  . ARG A 1 14 ? -5.392  0.588   -3.558  1.000 10.650 0 14  ARG A CZ  1 ? 
ATOM   89  N NH1 . ARG A 1 14 ? -4.559  -0.356  -3.888  1.000 12.516 0 14  ARG A NH1 1 ? 
ATOM   90  N NH2 . ARG A 1 14 ? -6.710  0.260   -3.588  1.000 13.731 0 14  ARG A NH2 1 ? 
ATOM   91  N N   . GLY A 1 15 ? -0.478  1.970   0.074   1.000 7.928  0 15  GLY A N   1 ? 
ATOM   92  C CA  . GLY A 1 15 ? 0.971   1.903   -0.055  1.000 7.490  0 15  GLY A CA  1 ? 
ATOM   93  C C   . GLY A 1 15 ? 1.469   2.536   -1.349  1.000 7.276  0 15  GLY A C   1 ? 
ATOM   94  O O   . GLY A 1 15 ? 0.732   2.848   -2.286  1.000 8.209  0 15  GLY A O   1 ? 
ATOM   95  N N   . TYR A 1 16 ? 2.801   2.775   -1.384  1.000 8.002  0 16  TYR A N   1 ? 
ATOM   96  C CA  . TYR A 1 16 ? 3.433   3.264   -2.597  1.000 8.364  0 16  TYR A CA  1 ? 
ATOM   97  C C   . TYR A 1 16 ? 3.378   2.208   -3.690  1.000 7.967  0 16  TYR A C   1 ? 
ATOM   98  O O   . TYR A 1 16 ? 3.291   1.016   -3.450  1.000 8.547  0 16  TYR A O   1 ? 
ATOM   99  C CB  . TYR A 1 16 ? 4.917   3.614   -2.358  1.000 8.766  0 16  TYR A CB  1 ? 
ATOM   100 C CG  . TYR A 1 16 ? 5.060   4.773   -1.388  1.000 8.255  0 16  TYR A CG  1 ? 
ATOM   101 C CD1 . TYR A 1 16 ? 4.643   6.017   -1.762  1.000 9.093  0 16  TYR A CD1 1 ? 
ATOM   102 C CD2 . TYR A 1 16 ? 5.645   4.602   -0.137  1.000 9.758  0 16  TYR A CD2 1 ? 
ATOM   103 C CE1 . TYR A 1 16 ? 4.707   7.112   -0.902  1.000 10.095 0 16  TYR A CE1 1 ? 
ATOM   104 C CE2 . TYR A 1 16 ? 5.761   5.674   0.746   1.000 9.453  0 16  TYR A CE2 1 ? 
ATOM   105 C CZ  . TYR A 1 16 ? 5.326   6.919   0.324   1.000 9.395  0 16  TYR A CZ  1 ? 
ATOM   106 O OH  . TYR A 1 16 ? 5.413   8.030   1.128   1.000 10.946 0 16  TYR A OH  1 ? 
ATOM   107 N N   . PRO A 1 17 ? 3.410   2.649   -4.960  1.000 8.290  0 17  PRO A N   1 ? 
ATOM   108 C CA  . PRO A 1 17 ? 3.487   1.713   -6.058  1.000 8.593  0 17  PRO A CA  1 ? 
ATOM   109 C C   . PRO A 1 17 ? 4.665   0.782   -5.942  1.000 9.485  0 17  PRO A C   1 ? 
ATOM   110 O O   . PRO A 1 17 ? 5.721   1.143   -5.392  1.000 9.192  0 17  PRO A O   1 ? 
ATOM   111 C CB  . PRO A 1 17 ? 3.614   2.617   -7.290  1.000 9.588  0 17  PRO A CB  1 ? 
ATOM   112 C CG  . PRO A 1 17 ? 2.989   3.904   -6.878  1.000 9.774  0 17  PRO A CG  1 ? 
ATOM   113 C CD  . PRO A 1 17 ? 3.395   4.043   -5.433  1.000 9.244  0 17  PRO A CD  1 ? 
ATOM   114 N N   . GLY A 1 18 ? 4.516   -0.390  -6.494  1.000 8.481  0 18  GLY A N   1 ? 
ATOM   115 C CA  . GLY A 1 18 ? 5.613   -1.325  -6.592  1.000 8.042  0 18  GLY A CA  1 ? 
ATOM   116 C C   . GLY A 1 18 ? 6.783   -0.811  -7.407  1.000 9.131  0 18  GLY A C   1 ? 
ATOM   117 O O   . GLY A 1 18 ? 6.617   0.095   -8.236  1.000 9.283  0 18  GLY A O   1 ? 
ATOM   118 N N   . PRO A 1 19 ? 7.935   -1.503  -7.270  1.000 9.398  0 19  PRO A N   1 ? 
ATOM   119 C CA  . PRO A 1 19 ? 9.083   -1.191  -8.117  1.000 10.064 0 19  PRO A CA  1 ? 
ATOM   120 C C   . PRO A 1 19 ? 8.894   -1.696  -9.531  1.000 9.865  0 19  PRO A C   1 ? 
ATOM   121 O O   . PRO A 1 19 ? 8.030   -2.571  -9.810  1.000 9.717  0 19  PRO A O   1 ? 
ATOM   122 C CB  . PRO A 1 19 ? 10.228  -1.945  -7.413  1.000 10.866 0 19  PRO A CB  1 ? 
ATOM   123 C CG  . PRO A 1 19 ? 9.497   -3.141  -6.855  1.000 10.570 0 19  PRO A CG  1 ? 
ATOM   124 C CD  . PRO A 1 19 ? 8.205   -2.578  -6.316  1.000 9.787  0 19  PRO A CD  1 ? 
HETATM 125 N N   . HYP A 1 20 ? 9.619   -1.149  -10.521 1.000 10.513 0 20  HYP A N   1 ? 
HETATM 126 C CA  . HYP A 1 20 ? 9.574   -1.734  -11.852 1.000 11.428 0 20  HYP A CA  1 ? 
HETATM 127 C C   . HYP A 1 20 ? 9.966   -3.207  -11.826 1.000 12.257 0 20  HYP A C   1 ? 
HETATM 128 O O   . HYP A 1 20 ? 10.727  -3.646  -10.935 1.000 12.836 0 20  HYP A O   1 ? 
HETATM 129 C CB  . HYP A 1 20 ? 10.640  -0.935  -12.627 1.000 11.091 0 20  HYP A CB  1 ? 
HETATM 130 C CG  . HYP A 1 20 ? 10.776  0.345   -11.817 1.000 11.102 0 20  HYP A CG  1 ? 
HETATM 131 C CD  . HYP A 1 20 ? 10.646  -0.104  -10.391 1.000 11.391 0 20  HYP A CD  1 ? 
HETATM 132 O OD1 . HYP A 1 20 ? 9.754   1.251   -12.151 1.000 11.860 0 20  HYP A OD1 1 ? 
ATOM   133 N N   . GLY A 1 21 ? 9.394   -3.945  -12.760 1.000 13.952 0 21  GLY A N   1 ? 
ATOM   134 C CA  . GLY A 1 21 ? 9.761   -5.327  -12.961 1.000 16.351 0 21  GLY A CA  1 ? 
ATOM   135 C C   . GLY A 1 21 ? 11.218  -5.486  -13.345 1.000 18.015 0 21  GLY A C   1 ? 
ATOM   136 O O   . GLY A 1 21 ? 11.939  -4.521  -13.609 1.000 15.724 0 21  GLY A O   1 ? 
ATOM   137 N N   . PRO A 1 22 ? 11.649  -6.760  -13.456 1.000 22.794 0 22  PRO A N   1 ? 
ATOM   138 C CA  . PRO A 1 22 ? 13.014  -7.017  -13.865 1.000 23.335 0 22  PRO A CA  1 ? 
ATOM   139 C C   . PRO A 1 22 ? 13.187  -6.673  -15.338 1.000 22.101 0 22  PRO A C   1 ? 
ATOM   140 O O   . PRO A 1 22 ? 12.226  -6.566  -16.088 1.000 19.080 0 22  PRO A O   1 ? 
ATOM   141 C CB  . PRO A 1 22 ? 13.230  -8.498  -13.556 1.000 25.215 0 22  PRO A CB  1 ? 
ATOM   142 C CG  . PRO A 1 22 ? 11.856  -9.081  -13.554 1.000 27.423 0 22  PRO A CG  1 ? 
ATOM   143 C CD  . PRO A 1 22 ? 10.873  -7.967  -13.163 1.000 27.103 0 22  PRO A CD  1 ? 
HETATM 144 N N   . HYP A 1 23 ? 14.451  -6.524  -15.775 1.000 24.330 0 23  HYP A N   1 ? 
HETATM 145 C CA  . HYP A 1 23 ? 14.740  -6.313  -17.187 1.000 24.900 0 23  HYP A CA  1 ? 
HETATM 146 C C   . HYP A 1 23 ? 14.177  -7.462  -18.015 1.000 23.662 0 23  HYP A C   1 ? 
HETATM 147 O O   . HYP A 1 23 ? 14.063  -8.591  -17.533 1.000 25.260 0 23  HYP A O   1 ? 
HETATM 148 C CB  . HYP A 1 23 ? 16.268  -6.291  -17.224 1.000 27.541 0 23  HYP A CB  1 ? 
HETATM 149 C CG  . HYP A 1 23 ? 16.659  -5.931  -15.801 1.000 28.182 0 23  HYP A CG  1 ? 
HETATM 150 C CD  . HYP A 1 23 ? 15.660  -6.659  -14.946 1.000 25.938 0 23  HYP A CD  1 ? 
HETATM 151 O OD1 . HYP A 1 23 ? 16.516  -4.529  -15.605 1.000 33.286 0 23  HYP A OD1 1 ? 
ATOM   152 N N   . GLY A 1 24 ? 13.780  -7.151  -19.246 1.000 24.986 0 24  GLY A N   1 ? 
ATOM   153 C CA  . GLY A 1 24 ? 13.266  -8.147  -20.163 1.000 29.490 0 24  GLY A CA  1 ? 
ATOM   154 C C   . GLY A 1 24 ? 14.362  -9.117  -20.613 1.000 31.263 0 24  GLY A C   1 ? 
ATOM   155 O O   . GLY A 1 24 ? 15.538  -8.956  -20.277 1.000 29.201 0 24  GLY A O   1 ? 
ATOM   156 N N   . PRO A 1 25 ? 13.987  -10.149 -21.394 1.000 34.854 0 25  PRO A N   1 ? 
ATOM   157 C CA  . PRO A 1 25 ? 14.958  -11.156 -21.827 1.000 38.100 0 25  PRO A CA  1 ? 
ATOM   158 C C   . PRO A 1 25 ? 15.993  -10.491 -22.729 1.000 37.263 0 25  PRO A C   1 ? 
ATOM   159 O O   . PRO A 1 25 ? 15.697  -9.474  -23.352 1.000 35.126 0 25  PRO A O   1 ? 
ATOM   160 C CB  . PRO A 1 25 ? 14.114  -12.204 -22.548 1.000 37.768 0 25  PRO A CB  1 ? 
ATOM   161 C CG  . PRO A 1 25 ? 12.889  -11.447 -23.005 1.000 36.868 0 25  PRO A CG  1 ? 
ATOM   162 C CD  . PRO A 1 25 ? 12.641  -10.367 -21.949 1.000 35.625 0 25  PRO A CD  1 ? 
HETATM 163 N N   . HYP A 1 26 ? 17.225  -11.044 -22.841 1.000 44.278 0 26  HYP A N   1 ? 
HETATM 164 C CA  . HYP A 1 26 ? 18.216  -10.531 -23.793 1.000 47.329 0 26  HYP A CA  1 ? 
HETATM 165 C C   . HYP A 1 26 ? 17.632  -10.492 -25.203 1.000 47.432 0 26  HYP A C   1 ? 
HETATM 166 O O   . HYP A 1 26 ? 17.956  -9.609  -26.003 1.000 48.847 0 26  HYP A O   1 ? 
HETATM 167 C CB  . HYP A 1 26 ? 19.360  -11.547 -23.701 1.000 49.102 0 26  HYP A CB  1 ? 
HETATM 168 C CG  . HYP A 1 26 ? 19.205  -12.180 -22.326 1.000 49.696 0 26  HYP A CG  1 ? 
HETATM 169 C CD  . HYP A 1 26 ? 17.708  -12.222 -22.104 1.000 46.080 0 26  HYP A CD  1 ? 
HETATM 170 O OD1 . HYP A 1 26 ? 19.843  -11.371 -21.347 1.000 51.324 0 26  HYP A OD1 1 ? 
ATOM   171 N N   . GLY A 1 27 ? 16.768  -11.479 -25.465 1.000 45.932 0 27  GLY A N   1 ? 
ATOM   172 C CA  . GLY A 1 27 ? 15.896  -11.498 -26.621 1.000 47.371 0 27  GLY A CA  1 ? 
ATOM   173 C C   . GLY A 1 27 ? 14.785  -12.509 -26.412 1.000 45.778 0 27  GLY A C   1 ? 
ATOM   174 O O   . GLY A 1 27 ? 13.727  -12.330 -27.050 1.000 53.415 0 27  GLY A O   1 ? 
HETATM 175 N N   . HYP B 1 2  ? -20.136 7.740   23.452  1.000 37.166 0 2   HYP B N   1 ? 
HETATM 176 C CA  . HYP B 1 2  ? -18.902 7.109   22.946  1.000 37.362 0 2   HYP B CA  1 ? 
HETATM 177 C C   . HYP B 1 2  ? -17.808 8.124   22.603  1.000 35.706 0 2   HYP B C   1 ? 
HETATM 178 O O   . HYP B 1 2  ? -18.068 9.256   22.210  1.000 34.850 0 2   HYP B O   1 ? 
HETATM 179 C CB  . HYP B 1 2  ? -19.352 6.378   21.674  1.000 36.768 0 2   HYP B CB  1 ? 
HETATM 180 C CG  . HYP B 1 2  ? -20.807 6.022   21.940  1.000 40.871 0 2   HYP B CG  1 ? 
HETATM 181 C CD  . HYP B 1 2  ? -21.317 7.210   22.741  1.000 38.551 0 2   HYP B CD  1 ? 
HETATM 182 O OD1 . HYP B 1 2  ? -20.890 4.817   22.695  1.000 41.314 0 2   HYP B OD1 1 ? 
ATOM   183 N N   . GLY B 1 3  ? -16.555 7.695   22.719  1.000 31.203 0 3   GLY B N   1 ? 
ATOM   184 C CA  . GLY B 1 3  ? -15.433 8.572   22.466  1.000 26.122 0 3   GLY B CA  1 ? 
ATOM   185 C C   . GLY B 1 3  ? -15.209 8.857   20.976  1.000 23.912 0 3   GLY B C   1 ? 
ATOM   186 O O   . GLY B 1 3  ? -15.943 8.385   20.110  1.000 26.099 0 3   GLY B O   1 ? 
ATOM   187 N N   . PRO B 1 4  ? -14.206 9.681   20.641  1.000 20.994 0 4   PRO B N   1 ? 
ATOM   188 C CA  . PRO B 1 4  ? -13.895 9.985   19.238  1.000 23.781 0 4   PRO B CA  1 ? 
ATOM   189 C C   . PRO B 1 4  ? -13.238 8.809   18.507  1.000 26.423 0 4   PRO B C   1 ? 
ATOM   190 O O   . PRO B 1 4  ? -12.770 7.837   19.091  1.000 24.573 0 4   PRO B O   1 ? 
ATOM   191 C CB  . PRO B 1 4  ? -12.936 11.176  19.304  1.000 23.997 0 4   PRO B CB  1 ? 
ATOM   192 C CG  . PRO B 1 4  ? -12.324 11.115  20.685  1.000 24.835 0 4   PRO B CG  1 ? 
ATOM   193 C CD  . PRO B 1 4  ? -13.199 10.251  21.539  1.000 21.943 0 4   PRO B CD  1 ? 
HETATM 194 N N   . HYP B 1 5  ? -13.151 8.919   17.171  1.000 23.587 0 5   HYP B N   1 ? 
HETATM 195 C CA  . HYP B 1 5  ? -12.394 7.939   16.380  1.000 24.241 0 5   HYP B CA  1 ? 
HETATM 196 C C   . HYP B 1 5  ? -10.946 7.820   16.827  1.000 24.745 0 5   HYP B C   1 ? 
HETATM 197 O O   . HYP B 1 5  ? -10.332 8.769   17.283  1.000 23.228 0 5   HYP B O   1 ? 
HETATM 198 C CB  . HYP B 1 5  ? -12.488 8.548   14.974  1.000 22.754 0 5   HYP B CB  1 ? 
HETATM 199 C CG  . HYP B 1 5  ? -13.780 9.360   14.997  1.000 25.158 0 5   HYP B CG  1 ? 
HETATM 200 C CD  . HYP B 1 5  ? -13.708 10.010  16.335  1.000 26.301 0 5   HYP B CD  1 ? 
HETATM 201 O OD1 . HYP B 1 5  ? -14.925 8.524   14.900  1.000 26.779 0 5   HYP B OD1 1 ? 
ATOM   202 N N   . GLY B 1 6  ? -10.352 6.631   16.637  1.000 19.155 0 6   GLY B N   1 ? 
ATOM   203 C CA  . GLY B 1 6  ? -8.934  6.436   16.888  1.000 20.875 0 6   GLY B CA  1 ? 
ATOM   204 C C   . GLY B 1 6  ? -8.047  7.071   15.818  1.000 17.577 0 6   GLY B C   1 ? 
ATOM   205 O O   . GLY B 1 6  ? -8.531  7.720   14.877  1.000 17.014 0 6   GLY B O   1 ? 
ATOM   206 N N   . PRO B 1 7  ? -6.716  6.876   15.931  1.000 17.983 0 7   PRO B N   1 ? 
ATOM   207 C CA  . PRO B 1 7  ? -5.768  7.418   14.967  1.000 17.887 0 7   PRO B CA  1 ? 
ATOM   208 C C   . PRO B 1 7  ? -5.907  6.722   13.599  1.000 15.931 0 7   PRO B C   1 ? 
ATOM   209 O O   . PRO B 1 7  ? -6.418  5.615   13.504  1.000 14.354 0 7   PRO B O   1 ? 
ATOM   210 C CB  . PRO B 1 7  ? -4.373  7.136   15.553  1.000 22.885 0 7   PRO B CB  1 ? 
ATOM   211 C CG  . PRO B 1 7  ? -4.631  6.504   16.901  1.000 24.864 0 7   PRO B CG  1 ? 
ATOM   212 C CD  . PRO B 1 7  ? -6.083  6.091   16.990  1.000 20.038 0 7   PRO B CD  1 ? 
HETATM 213 N N   . HYP B 1 8  ? -5.460  7.385   12.513  1.000 17.339 0 8   HYP B N   1 ? 
HETATM 214 C CA  . HYP B 1 8  ? -5.447  6.771   11.192  1.000 16.767 0 8   HYP B CA  1 ? 
HETATM 215 C C   . HYP B 1 8  ? -4.624  5.491   11.209  1.000 13.441 0 8   HYP B C   1 ? 
HETATM 216 O O   . HYP B 1 8  ? -3.667  5.305   11.977  1.000 13.821 0 8   HYP B O   1 ? 
HETATM 217 C CB  . HYP B 1 8  ? -4.826  7.834   10.289  1.000 18.861 0 8   HYP B CB  1 ? 
HETATM 218 C CG  . HYP B 1 8  ? -5.070  9.144   11.041  1.000 19.810 0 8   HYP B CG  1 ? 
HETATM 219 C CD  . HYP B 1 8  ? -4.917  8.757   12.475  1.000 18.455 0 8   HYP B CD  1 ? 
HETATM 220 O OD1 . HYP B 1 8  ? -6.406  9.574   10.806  1.000 20.229 0 8   HYP B OD1 1 ? 
ATOM   221 N N   . GLY B 1 9  ? -5.052  4.553   10.375  1.000 10.623 0 9   GLY B N   1 ? 
ATOM   222 C CA  . GLY B 1 9  ? -4.319  3.316   10.149  1.000 9.989  0 9   GLY B CA  1 ? 
ATOM   223 C C   . GLY B 1 9  ? -2.938  3.568   9.558   1.000 8.379  0 9   GLY B C   1 ? 
ATOM   224 O O   . GLY B 1 9  ? -2.666  4.597   8.943   1.000 8.644  0 9   GLY B O   1 ? 
ATOM   225 N N   . GLU B 1 10 ? -2.119  2.517   9.653   1.000 8.315  0 10  GLU B N   1 ? 
ATOM   226 C CA  . GLU B 1 10 ? -0.785  2.549   9.076   1.000 8.690  0 10  GLU B CA  1 ? 
ATOM   227 C C   . GLU B 1 10 ? -0.882  2.554   7.565   1.000 8.693  0 10  GLU B C   1 ? 
ATOM   228 O O   . GLU B 1 10 ? -1.849  2.105   6.996   1.000 8.986  0 10  GLU B O   1 ? 
ATOM   229 C CB  . GLU B 1 10 ? 0.031   1.360   9.534   1.000 9.301  0 10  GLU B CB  1 ? 
ATOM   230 C CG  . GLU B 1 10 ? 0.373   1.454   11.013  1.000 10.701 0 10  GLU B CG  1 ? 
ATOM   231 C CD  . GLU B 1 10 ? 1.225   0.290   11.509  1.000 13.597 0 10  GLU B CD  1 ? 
ATOM   232 O OE1 . GLU B 1 10 ? 2.305   0.649   12.015  1.000 14.534 0 10  GLU B OE1 1 ? 
ATOM   233 O OE2 . GLU B 1 10 ? 0.959   -0.891  11.272  1.000 14.452 0 10  GLU B OE2 1 ? 
ATOM   234 N N   . LYS B 1 11 ? 0.153   3.033   6.933   1.000 8.910  0 11  LYS B N   1 ? 
ATOM   235 C CA  . LYS B 1 11 ? 0.235   3.024   5.490   1.000 8.935  0 11  LYS B CA  1 ? 
ATOM   236 C C   . LYS B 1 11 ? 0.370   1.579   5.000   1.000 9.083  0 11  LYS B C   1 ? 
ATOM   237 O O   . LYS B 1 11 ? 0.959   0.706   5.642   1.000 8.758  0 11  LYS B O   1 ? 
ATOM   238 C CB  . LYS B 1 11 ? 1.472   3.797   5.060   1.000 11.124 0 11  LYS B CB  1 ? 
ATOM   239 C CG  . LYS B 1 11 ? 1.467   4.078   3.525   1.000 12.745 0 11  LYS B CG  1 ? 
ATOM   240 C CD  . LYS B 1 11 ? 2.335   5.263   3.151   1.000 15.590 0 11  LYS B CD  1 ? 
ATOM   241 C CE  . LYS B 1 11 ? 2.534   5.361   1.676   1.000 15.050 0 11  LYS B CE  1 ? 
ATOM   242 N NZ  . LYS B 1 11 ? 1.421   6.014   1.014   1.000 17.077 0 11  LYS B NZ  1 ? 
ATOM   243 N N   . GLY B 1 12 ? -0.241  1.306   3.870   1.000 7.732  0 12  GLY B N   1 ? 
ATOM   244 C CA  . GLY B 1 12 ? -0.118  0.037   3.227   1.000 7.579  0 12  GLY B CA  1 ? 
ATOM   245 C C   . GLY B 1 12 ? 1.266   -0.361  2.776   1.000 7.439  0 12  GLY B C   1 ? 
ATOM   246 O O   . GLY B 1 12 ? 2.180   0.449   2.672   1.000 8.002  0 12  GLY B O   1 ? 
ATOM   247 N N   . GLU B 1 13 ? 1.412   -1.671  2.583   1.000 7.623  0 13  GLU B N   1 ? 
ATOM   248 C CA  . GLU B 1 13 ? 2.615   -2.228  1.995   1.000 8.185  0 13  GLU B CA  1 ? 
ATOM   249 C C   . GLU B 1 13 ? 2.861   -1.649  0.606   1.000 7.172  0 13  GLU B C   1 ? 
ATOM   250 O O   . GLU B 1 13 ? 1.906   -1.292  -0.080  1.000 6.756  0 13  GLU B O   1 ? 
ATOM   251 C CB  . GLU B 1 13 ? 2.522   -3.735  1.924   1.000 9.132  0 13  GLU B CB  1 ? 
ATOM   252 C CG  . GLU B 1 13 ? 2.466   -4.405  3.294   1.000 9.419  0 13  GLU B CG  1 ? 
ATOM   253 C CD  . GLU B 1 13 ? 3.695   -4.279  4.120   1.000 12.689 0 13  GLU B CD  1 ? 
ATOM   254 O OE1 . GLU B 1 13 ? 4.829   -4.091  3.674   1.000 12.143 0 13  GLU B OE1 1 ? 
ATOM   255 O OE2 . GLU B 1 13 ? 3.437   -4.614  5.311   1.000 15.284 0 13  GLU B OE2 1 ? 
ATOM   256 N N   . ARG B 1 14 ? 4.103   -1.621  0.168   1.000 7.552  0 14  ARG B N   1 ? 
ATOM   257 C CA  . ARG B 1 14 ? 4.419   -1.266  -1.200  1.000 7.894  0 14  ARG B CA  1 ? 
ATOM   258 C C   . ARG B 1 14 ? 3.822   -2.303  -2.164  1.000 7.617  0 14  ARG B C   1 ? 
ATOM   259 O O   . ARG B 1 14 ? 3.658   -3.458  -1.833  1.000 8.385  0 14  ARG B O   1 ? 
ATOM   260 C CB  . ARG B 1 14 ? 5.946   -1.258  -1.412  1.000 8.807  0 14  ARG B CB  1 ? 
ATOM   261 C CG  . ARG B 1 14 ? 6.330   -0.641  -2.729  1.000 10.246 0 14  ARG B CG  1 ? 
ATOM   262 C CD  . ARG B 1 14 ? 7.849   -0.500  -2.827  1.000 11.915 0 14  ARG B CD  1 ? 
ATOM   263 N NE  . ARG B 1 14 ? 8.129   0.171   -4.096  1.000 12.974 0 14  ARG B NE  1 ? 
ATOM   264 C CZ  . ARG B 1 14 ? 9.366   0.407   -4.531  1.000 14.577 0 14  ARG B CZ  1 ? 
ATOM   265 N NH1 . ARG B 1 14 ? 10.403  -0.158  -3.964  1.000 15.991 0 14  ARG B NH1 1 ? 
ATOM   266 N NH2 . ARG B 1 14 ? 9.509   1.134   -5.624  1.000 14.934 0 14  ARG B NH2 1 ? 
ATOM   267 N N   . GLY B 1 15 ? 3.406   -1.836  -3.353  1.000 7.480  0 15  GLY B N   1 ? 
ATOM   268 C CA  . GLY B 1 15 ? 2.934   -2.750  -4.368  1.000 8.246  0 15  GLY B CA  1 ? 
ATOM   269 C C   . GLY B 1 15 ? 3.918   -3.835  -4.763  1.000 8.541  0 15  GLY B C   1 ? 
ATOM   270 O O   . GLY B 1 15 ? 5.128   -3.731  -4.547  1.000 8.763  0 15  GLY B O   1 ? 
ATOM   271 N N   . TYR B 1 16 ? 3.385   -4.878  -5.378  1.000 8.325  0 16  TYR B N   1 ? 
ATOM   272 C CA  . TYR B 1 16 ? 4.208   -5.925  -5.972  1.000 9.131  0 16  TYR B CA  1 ? 
ATOM   273 C C   . TYR B 1 16 ? 5.098   -5.334  -7.058  1.000 10.456 0 16  TYR B C   1 ? 
ATOM   274 O O   . TYR B 1 16 ? 4.700   -4.391  -7.730  1.000 10.534 0 16  TYR B O   1 ? 
ATOM   275 C CB  . TYR B 1 16 ? 3.336   -7.024  -6.550  1.000 10.008 0 16  TYR B CB  1 ? 
ATOM   276 C CG  . TYR B 1 16 ? 2.404   -7.724  -5.600  1.000 11.467 0 16  TYR B CG  1 ? 
ATOM   277 C CD1 . TYR B 1 16 ? 2.892   -8.363  -4.460  1.000 13.937 0 16  TYR B CD1 1 ? 
ATOM   278 C CD2 . TYR B 1 16 ? 1.063   -7.736  -5.865  1.000 11.452 0 16  TYR B CD2 1 ? 
ATOM   279 C CE1 . TYR B 1 16 ? 2.017   -9.055  -3.602  1.000 13.143 0 16  TYR B CE1 1 ? 
ATOM   280 C CE2 . TYR B 1 16 ? 0.181   -8.415  -5.026  1.000 12.531 0 16  TYR B CE2 1 ? 
ATOM   281 C CZ  . TYR B 1 16 ? 0.670   -9.063  -3.900  1.000 12.050 0 16  TYR B CZ  1 ? 
ATOM   282 O OH  . TYR B 1 16 ? -0.235  -9.833  -3.195  1.000 14.189 0 16  TYR B OH  1 ? 
ATOM   283 N N   . PRO B 1 17 ? 6.249   -5.949  -7.355  1.000 10.906 0 17  PRO B N   1 ? 
ATOM   284 C CA  . PRO B 1 17 ? 7.018   -5.562  -8.528  1.000 12.235 0 17  PRO B CA  1 ? 
ATOM   285 C C   . PRO B 1 17 ? 6.204   -5.738  -9.787  1.000 12.081 0 17  PRO B C   1 ? 
ATOM   286 O O   . PRO B 1 17 ? 5.331   -6.588  -9.887  1.000 12.887 0 17  PRO B O   1 ? 
ATOM   287 C CB  . PRO B 1 17 ? 8.219   -6.482  -8.500  1.000 13.670 0 17  PRO B CB  1 ? 
ATOM   288 C CG  . PRO B 1 17 ? 8.334   -6.901  -7.037  1.000 13.582 0 17  PRO B CG  1 ? 
ATOM   289 C CD  . PRO B 1 17 ? 6.876   -7.010  -6.548  1.000 12.659 0 17  PRO B CD  1 ? 
ATOM   290 N N   . GLY B 1 18 ? 6.490   -4.893  -10.759 1.000 12.214 0 18  GLY B N   1 ? 
ATOM   291 C CA  . GLY B 1 18 ? 5.860   -5.020  -12.046 1.000 11.778 0 18  GLY B CA  1 ? 
ATOM   292 C C   . GLY B 1 18 ? 6.371   -6.236  -12.816 1.000 12.911 0 18  GLY B C   1 ? 
ATOM   293 O O   . GLY B 1 18 ? 7.265   -6.954  -12.378 1.000 14.625 0 18  GLY B O   1 ? 
ATOM   294 N N   . PRO B 1 19 ? 5.789   -6.418  -14.009 1.000 16.058 0 19  PRO B N   1 ? 
ATOM   295 C CA  . PRO B 1 19 ? 6.211   -7.503  -14.895 1.000 17.319 0 19  PRO B CA  1 ? 
ATOM   296 C C   . PRO B 1 19 ? 7.595   -7.300  -15.489 1.000 20.642 0 19  PRO B C   1 ? 
ATOM   297 O O   . PRO B 1 19 ? 8.091   -6.168  -15.533 1.000 18.562 0 19  PRO B O   1 ? 
ATOM   298 C CB  . PRO B 1 19 ? 5.136   -7.556  -15.990 1.000 19.696 0 19  PRO B CB  1 ? 
ATOM   299 C CG  . PRO B 1 19 ? 4.174   -6.444  -15.733 1.000 20.414 0 19  PRO B CG  1 ? 
ATOM   300 C CD  . PRO B 1 19 ? 4.689   -5.643  -14.569 1.000 16.472 0 19  PRO B CD  1 ? 
HETATM 301 N N   . HYP B 1 20 ? 8.254   -8.377  -15.977 1.000 21.742 0 20  HYP B N   1 ? 
HETATM 302 C CA  . HYP B 1 20 ? 9.489   -8.224  -16.730 1.000 20.668 0 20  HYP B CA  1 ? 
HETATM 303 C C   . HYP B 1 20 ? 9.301   -7.302  -17.922 1.000 18.075 0 20  HYP B C   1 ? 
HETATM 304 O O   . HYP B 1 20 ? 8.209   -7.184  -18.472 1.000 20.825 0 20  HYP B O   1 ? 
HETATM 305 C CB  . HYP B 1 20 ? 9.789   -9.647  -17.212 1.000 23.096 0 20  HYP B CB  1 ? 
HETATM 306 C CG  . HYP B 1 20 ? 9.104   -10.528 -16.182 1.000 22.233 0 20  HYP B CG  1 ? 
HETATM 307 C CD  . HYP B 1 20 ? 7.842   -9.781  -15.839 1.000 24.408 0 20  HYP B CD  1 ? 
HETATM 308 O OD1 . HYP B 1 20 ? 9.902   -10.637 -15.024 1.000 26.118 0 20  HYP B OD1 1 ? 
ATOM   309 N N   . GLY B 1 21 ? 10.368  -6.594  -18.264 1.000 18.785 0 21  GLY B N   1 ? 
ATOM   310 C CA  . GLY B 1 21 ? 10.352  -5.708  -19.413 1.000 20.879 0 21  GLY B CA  1 ? 
ATOM   311 C C   . GLY B 1 21 ? 10.272  -6.488  -20.712 1.000 26.458 0 21  GLY B C   1 ? 
ATOM   312 O O   . GLY B 1 21 ? 10.356  -7.717  -20.732 1.000 25.812 0 21  GLY B O   1 ? 
ATOM   313 N N   . PRO B 1 22 ? 10.157  -5.762  -21.839 1.000 28.834 0 22  PRO B N   1 ? 
ATOM   314 C CA  . PRO B 1 22 ? 10.158  -6.401  -23.151 1.000 31.487 0 22  PRO B CA  1 ? 
ATOM   315 C C   . PRO B 1 22 ? 11.550  -6.916  -23.496 1.000 33.439 0 22  PRO B C   1 ? 
ATOM   316 O O   . PRO B 1 22 ? 12.545  -6.548  -22.871 1.000 31.339 0 22  PRO B O   1 ? 
ATOM   317 C CB  . PRO B 1 22 ? 9.676   -5.286  -24.111 1.000 31.359 0 22  PRO B CB  1 ? 
ATOM   318 C CG  . PRO B 1 22 ? 9.285   -4.119  -23.237 1.000 30.410 0 22  PRO B CG  1 ? 
ATOM   319 C CD  . PRO B 1 22 ? 10.044  -4.298  -21.923 1.000 29.540 0 22  PRO B CD  1 ? 
HETATM 320 N N   . HYP B 1 23 ? 11.664  -7.739  -24.556 1.000 42.195 0 23  HYP B N   1 ? 
HETATM 321 C CA  . HYP B 1 23 ? 12.971  -8.174  -25.048 1.000 42.055 0 23  HYP B CA  1 ? 
HETATM 322 C C   . HYP B 1 23 ? 13.829  -6.967  -25.421 1.000 41.501 0 23  HYP B C   1 ? 
HETATM 323 O O   . HYP B 1 23 ? 13.299  -5.924  -25.804 1.000 40.070 0 23  HYP B O   1 ? 
HETATM 324 C CB  . HYP B 1 23 ? 12.609  -9.000  -26.283 1.000 41.345 0 23  HYP B CB  1 ? 
HETATM 325 C CG  . HYP B 1 23 ? 11.172  -9.429  -26.031 1.000 40.187 0 23  HYP B CG  1 ? 
HETATM 326 C CD  . HYP B 1 23 ? 10.553  -8.226  -25.383 1.000 42.048 0 23  HYP B CD  1 ? 
HETATM 327 O OD1 . HYP B 1 23 ? 11.144  -10.518 -25.122 1.000 41.489 0 23  HYP B OD1 1 ? 
ATOM   328 N N   . GLY B 1 24 ? 15.151  -7.110  -25.262 1.000 45.568 0 24  GLY B N   1 ? 
ATOM   329 C CA  . GLY B 1 24 ? 16.109  -6.163  -25.815 1.000 47.922 0 24  GLY B CA  1 ? 
ATOM   330 C C   . GLY B 1 24 ? 16.347  -6.424  -27.299 1.000 46.332 0 24  GLY B C   1 ? 
ATOM   331 O O   . GLY B 1 24 ? 15.612  -5.824  -28.130 1.000 46.207 0 24  GLY B O   1 ? 
ATOM   332 N N   . GLY C 1 3  ? -15.926 9.576   26.500  1.000 46.533 0 3   GLY C N   1 ? 
ATOM   333 C CA  . GLY C 1 3  ? -15.343 8.236   26.253  1.000 41.988 0 3   GLY C CA  1 ? 
ATOM   334 C C   . GLY C 1 3  ? -14.003 8.332   25.524  1.000 37.247 0 3   GLY C C   1 ? 
ATOM   335 O O   . GLY C 1 3  ? -13.771 9.293   24.793  1.000 38.361 0 3   GLY C O   1 ? 
ATOM   336 N N   . PRO C 1 4  ? -13.078 7.358   25.703  1.000 33.904 0 4   PRO C N   1 ? 
ATOM   337 C CA  . PRO C 1 4  ? -11.739 7.472   25.125  1.000 33.340 0 4   PRO C CA  1 ? 
ATOM   338 C C   . PRO C 1 4  ? -11.731 7.209   23.622  1.000 30.550 0 4   PRO C C   1 ? 
ATOM   339 O O   . PRO C 1 4  ? -12.672 6.624   23.075  1.000 29.676 0 4   PRO C O   1 ? 
ATOM   340 C CB  . PRO C 1 4  ? -10.894 6.432   25.861  1.000 32.715 0 4   PRO C CB  1 ? 
ATOM   341 C CG  . PRO C 1 4  ? -11.906 5.431   26.415  1.000 33.120 0 4   PRO C CG  1 ? 
ATOM   342 C CD  . PRO C 1 4  ? -13.276 6.091   26.424  1.000 32.166 0 4   PRO C CD  1 ? 
HETATM 343 N N   . HYP C 1 5  ? -10.657 7.624   22.930  1.000 26.747 0 5   HYP C N   1 ? 
HETATM 344 C CA  . HYP C 1 5  ? -10.492 7.311   21.508  1.000 30.791 0 5   HYP C CA  1 ? 
HETATM 345 C C   . HYP C 1 5  ? -10.599 5.823   21.211  1.000 27.159 0 5   HYP C C   1 ? 
HETATM 346 O O   . HYP C 1 5  ? -10.229 4.981   22.025  1.000 25.505 0 5   HYP C O   1 ? 
HETATM 347 C CB  . HYP C 1 5  ? -9.064  7.791   21.218  1.000 30.033 0 5   HYP C CB  1 ? 
HETATM 348 C CG  . HYP C 1 5  ? -8.845  8.896   22.242  1.000 30.243 0 5   HYP C CG  1 ? 
HETATM 349 C CD  . HYP C 1 5  ? -9.506  8.354   23.475  1.000 27.296 0 5   HYP C CD  1 ? 
HETATM 350 O OD1 . HYP C 1 5  ? -9.502  10.058  21.758  1.000 38.157 0 5   HYP C OD1 1 ? 
ATOM   351 N N   . GLY C 1 6  ? -11.110 5.512   20.021  1.000 25.199 0 6   GLY C N   1 ? 
ATOM   352 C CA  . GLY C 1 6  ? -11.171 4.135   19.578  1.000 23.226 0 6   GLY C CA  1 ? 
ATOM   353 C C   . GLY C 1 6  ? -9.795  3.617   19.140  1.000 19.611 0 6   GLY C C   1 ? 
ATOM   354 O O   . GLY C 1 6  ? -8.791  4.321   19.181  1.000 18.161 0 6   GLY C O   1 ? 
ATOM   355 N N   . PRO C 1 7  ? -9.791  2.379   18.632  1.000 19.844 0 7   PRO C N   1 ? 
ATOM   356 C CA  . PRO C 1 7  ? -8.544  1.738   18.189  1.000 18.701 0 7   PRO C CA  1 ? 
ATOM   357 C C   . PRO C 1 7  ? -7.998  2.393   16.925  1.000 17.526 0 7   PRO C C   1 ? 
ATOM   358 O O   . PRO C 1 7  ? -8.753  3.052   16.221  1.000 15.956 0 7   PRO C O   1 ? 
ATOM   359 C CB  . PRO C 1 7  ? -8.940  0.295   17.933  1.000 22.017 0 7   PRO C CB  1 ? 
ATOM   360 C CG  . PRO C 1 7  ? -10.382 0.131   18.337  1.000 25.608 0 7   PRO C CG  1 ? 
ATOM   361 C CD  . PRO C 1 7  ? -10.970 1.513   18.530  1.000 22.715 0 7   PRO C CD  1 ? 
HETATM 362 N N   . HYP C 1 8  ? -6.699  2.217   16.595  1.000 15.194 0 8   HYP C N   1 ? 
HETATM 363 C CA  . HYP C 1 8  ? -6.160  2.661   15.309  1.000 14.248 0 8   HYP C CA  1 ? 
HETATM 364 C C   . HYP C 1 8  ? -6.947  2.064   14.135  1.000 11.263 0 8   HYP C C   1 ? 
HETATM 365 O O   . HYP C 1 8  ? -7.523  0.973   14.226  1.000 12.213 0 8   HYP C O   1 ? 
HETATM 366 C CB  . HYP C 1 8  ? -4.699  2.129   15.305  1.000 15.218 0 8   HYP C CB  1 ? 
HETATM 367 C CG  . HYP C 1 8  ? -4.386  1.999   16.798  1.000 17.494 0 8   HYP C CG  1 ? 
HETATM 368 C CD  . HYP C 1 8  ? -5.675  1.494   17.385  1.000 15.801 0 8   HYP C CD  1 ? 
HETATM 369 O OD1 . HYP C 1 8  ? -4.016  3.278   17.308  1.000 18.444 0 8   HYP C OD1 1 ? 
ATOM   370 N N   . GLY C 1 9  ? -7.002  2.871   13.077  1.000 10.095 0 9   GLY C N   1 ? 
ATOM   371 C CA  . GLY C 1 9  ? -7.705  2.442   11.871  1.000 9.632  0 9   GLY C CA  1 ? 
ATOM   372 C C   . GLY C 1 9  ? -6.985  1.262   11.203  1.000 9.814  0 9   GLY C C   1 ? 
ATOM   373 O O   . GLY C 1 9  ? -5.899  0.830   11.586  1.000 10.902 0 9   GLY C O   1 ? 
ATOM   374 N N   . GLU C 1 10 ? -7.685  0.703   10.237  1.000 7.734  0 10  GLU C N   1 ? 
ATOM   375 C CA  . GLU C 1 10 ? -7.196  -0.399  9.441   1.000 7.988  0 10  GLU C CA  1 ? 
ATOM   376 C C   . GLU C 1 10 ? -5.993  0.046   8.636   1.000 8.141  0 10  GLU C C   1 ? 
ATOM   377 O O   . GLU C 1 10 ? -5.983  1.135   8.070   1.000 9.740  0 10  GLU C O   1 ? 
ATOM   378 C CB  . GLU C 1 10 ? -8.345  -0.903  8.578   1.000 7.960  0 10  GLU C CB  1 ? 
ATOM   379 C CG  . GLU C 1 10 ? -8.081  -2.175  7.796   1.000 8.272  0 10  GLU C CG  1 ? 
ATOM   380 C CD  . GLU C 1 10 ? -9.289  -2.569  6.992   1.000 9.567  0 10  GLU C CD  1 ? 
ATOM   381 O OE1 . GLU C 1 10 ? -10.222 -3.134  7.630   1.000 10.997 0 10  GLU C OE1 1 ? 
ATOM   382 O OE2 . GLU C 1 10 ? -9.387  -2.208  5.817   1.000 9.131  0 10  GLU C OE2 1 ? 
ATOM   383 N N   . LYS C 1 11 ? -5.046  -0.898  8.468   1.000 8.352  0 11  LYS C N   1 ? 
ATOM   384 C CA  . LYS C 1 11 ? -3.895  -0.606  7.643   1.000 7.639  0 11  LYS C CA  1 ? 
ATOM   385 C C   . LYS C 1 11 ? -4.346  -0.383  6.211   1.000 8.170  0 11  LYS C C   1 ? 
ATOM   386 O O   . LYS C 1 11 ? -5.253  -1.051  5.722   1.000 8.577  0 11  LYS C O   1 ? 
ATOM   387 C CB  . LYS C 1 11 ? -2.963  -1.812  7.740   1.000 9.805  0 11  LYS C CB  1 ? 
ATOM   388 C CG  . LYS C 1 11 ? -1.719  -1.706  6.859   1.000 10.376 0 11  LYS C CG  1 ? 
ATOM   389 C CD  . LYS C 1 11 ? -0.802  -2.875  7.133   1.000 12.541 0 11  LYS C CD  1 ? 
ATOM   390 C CE  . LYS C 1 11 ? 0.390   -3.003  6.226   1.000 13.409 0 11  LYS C CE  1 ? 
ATOM   391 N NZ  . LYS C 1 11 ? 1.082   -4.248  6.628   1.000 15.661 0 11  LYS C NZ  1 ? 
ATOM   392 N N   . GLY C 1 12 ? -3.659  0.504   5.536   1.000 7.364  0 12  GLY C N   1 ? 
ATOM   393 C CA  . GLY C 1 12 ? -4.003  0.826   4.173   1.000 7.494  0 12  GLY C CA  1 ? 
ATOM   394 C C   . GLY C 1 12 ? -3.810  -0.357  3.208   1.000 6.987  0 12  GLY C C   1 ? 
ATOM   395 O O   . GLY C 1 12 ? -3.155  -1.349  3.487   1.000 8.033  0 12  GLY C O   1 ? 
ATOM   396 N N   . GLU C 1 13 ? -4.483  -0.246  2.059   1.000 6.887  0 13  GLU C N   1 ? 
ATOM   397 C CA  . GLU C 1 13 ? -4.321  -1.230  1.013   1.000 6.921  0 13  GLU C CA  1 ? 
ATOM   398 C C   . GLU C 1 13 ? -2.922  -1.260  0.477   1.000 6.963  0 13  GLU C C   1 ? 
ATOM   399 O O   . GLU C 1 13 ? -2.205  -0.265  0.491   1.000 7.315  0 13  GLU C O   1 ? 
ATOM   400 C CB  . GLU C 1 13 ? -5.221  -0.816  -0.147  1.000 8.613  0 13  GLU C CB  1 ? 
ATOM   401 C CG  . GLU C 1 13 ? -6.716  -0.991  0.137   1.000 10.199 0 13  GLU C CG  1 ? 
ATOM   402 C CD  . GLU C 1 13 ? -7.173  -2.342  0.604   1.000 12.891 0 13  GLU C CD  1 ? 
ATOM   403 O OE1 . GLU C 1 13 ? -6.850  -3.234  -0.221  1.000 16.768 0 13  GLU C OE1 1 ? 
ATOM   404 O OE2 . GLU C 1 13 ? -7.754  -2.555  1.684   1.000 14.698 0 13  GLU C OE2 1 ? 
ATOM   405 N N   . ARG C 1 14 ? -2.491  -2.396  0.002   1.000 7.172  0 14  ARG C N   1 ? 
ATOM   406 C CA  . ARG C 1 14 ? -1.244  -2.535  -0.706  1.000 6.921  0 14  ARG C CA  1 ? 
ATOM   407 C C   . ARG C 1 14 ? -1.225  -1.609  -1.914  1.000 6.636  0 14  ARG C C   1 ? 
ATOM   408 O O   . ARG C 1 14 ? -2.241  -1.365  -2.579  1.000 7.832  0 14  ARG C O   1 ? 
ATOM   409 C CB  . ARG C 1 14 ? -1.070  -3.956  -1.219  1.000 7.728  0 14  ARG C CB  1 ? 
ATOM   410 C CG  . ARG C 1 14 ? 0.241   -4.211  -1.933  1.000 8.052  0 14  ARG C CG  1 ? 
ATOM   411 C CD  . ARG C 1 14 ? 0.405   -5.646  -2.309  1.000 8.080  0 14  ARG C CD  1 ? 
ATOM   412 N NE  . ARG C 1 14 ? 0.603   -6.547  -1.173  1.000 7.733  0 14  ARG C NE  1 ? 
ATOM   413 C CZ  . ARG C 1 14 ? 1.707   -6.670  -0.502  1.000 7.766  0 14  ARG C CZ  1 ? 
ATOM   414 N NH1 . ARG C 1 14 ? 2.794   -5.984  -0.801  1.000 8.079  0 14  ARG C NH1 1 ? 
ATOM   415 N NH2 . ARG C 1 14 ? 1.757   -7.494  0.495   1.000 9.200  0 14  ARG C NH2 1 ? 
ATOM   416 N N   . GLY C 1 15 ? -0.057  -1.018  -2.176  1.000 6.873  0 15  GLY C N   1 ? 
ATOM   417 C CA  . GLY C 1 15 ? 0.096   -0.165  -3.314  1.000 8.053  0 15  GLY C CA  1 ? 
ATOM   418 C C   . GLY C 1 15 ? -0.201  -0.907  -4.620  1.000 8.282  0 15  GLY C C   1 ? 
ATOM   419 O O   . GLY C 1 15 ? -0.248  -2.120  -4.699  1.000 8.552  0 15  GLY C O   1 ? 
ATOM   420 N N   . TYR C 1 16 ? -0.406  -0.115  -5.688  1.000 8.408  0 16  TYR C N   1 ? 
ATOM   421 C CA  . TYR C 1 16 ? -0.625  -0.696  -6.993  1.000 7.885  0 16  TYR C CA  1 ? 
ATOM   422 C C   . TYR C 1 16 ? 0.631   -1.396  -7.466  1.000 7.999  0 16  TYR C C   1 ? 
ATOM   423 O O   . TYR C 1 16 ? 1.756   -0.968  -7.131  1.000 8.314  0 16  TYR C O   1 ? 
ATOM   424 C CB  . TYR C 1 16 ? -1.091  0.386   -7.977  1.000 9.923  0 16  TYR C CB  1 ? 
ATOM   425 C CG  . TYR C 1 16 ? -2.515  0.867   -7.667  1.000 10.414 0 16  TYR C CG  1 ? 
ATOM   426 C CD1 . TYR C 1 16 ? -3.564  -0.033  -7.859  1.000 14.001 0 16  TYR C CD1 1 ? 
ATOM   427 C CD2 . TYR C 1 16 ? -2.819  2.130   -7.250  1.000 12.631 0 16  TYR C CD2 1 ? 
ATOM   428 C CE1 . TYR C 1 16 ? -4.893  0.312   -7.657  1.000 15.796 0 16  TYR C CE1 1 ? 
ATOM   429 C CE2 . TYR C 1 16 ? -4.140  2.505   -6.987  1.000 11.091 0 16  TYR C CE2 1 ? 
ATOM   430 C CZ  . TYR C 1 16 ? -5.166  1.580   -7.167  1.000 12.840 0 16  TYR C CZ  1 ? 
ATOM   431 O OH  . TYR C 1 16 ? -6.473  2.031   -6.967  1.000 15.944 0 16  TYR C OH  1 ? 
ATOM   432 N N   . PRO C 1 17 ? 0.545   -2.378  -8.362  1.000 7.936  0 17  PRO C N   1 ? 
ATOM   433 C CA  . PRO C 1 17 ? 1.705   -3.063  -8.888  1.000 9.033  0 17  PRO C CA  1 ? 
ATOM   434 C C   . PRO C 1 17 ? 2.596   -2.088  -9.617  1.000 8.799  0 17  PRO C C   1 ? 
ATOM   435 O O   . PRO C 1 17 ? 2.129   -1.130  -10.216 1.000 9.513  0 17  PRO C O   1 ? 
ATOM   436 C CB  . PRO C 1 17 ? 1.179   -4.153  -9.780  1.000 10.891 0 17  PRO C CB  1 ? 
ATOM   437 C CG  . PRO C 1 17 ? -0.246  -4.276  -9.431  1.000 12.473 0 17  PRO C CG  1 ? 
ATOM   438 C CD  . PRO C 1 17 ? -0.737  -3.022  -8.737  1.000 8.644  0 17  PRO C CD  1 ? 
ATOM   439 N N   . GLY C 1 18 ? 3.888   -2.399  -9.626  1.000 8.625  0 18  GLY C N   1 ? 
ATOM   440 C CA  . GLY C 1 18 ? 4.849   -1.541  -10.283 1.000 9.448  0 18  GLY C CA  1 ? 
ATOM   441 C C   . GLY C 1 18 ? 4.730   -1.588  -11.805 1.000 9.861  0 18  GLY C C   1 ? 
ATOM   442 O O   . GLY C 1 18 ? 4.031   -2.455  -12.359 1.000 12.011 0 18  GLY C O   1 ? 
ATOM   443 N N   . PRO C 1 19 ? 5.478   -0.681  -12.469 1.000 11.124 0 19  PRO C N   1 ? 
ATOM   444 C CA  . PRO C 1 19 ? 5.532   -0.648  -13.932 1.000 12.763 0 19  PRO C CA  1 ? 
ATOM   445 C C   . PRO C 1 19 ? 6.284   -1.853  -14.490 1.000 13.729 0 19  PRO C C   1 ? 
ATOM   446 O O   . PRO C 1 19 ? 7.073   -2.505  -13.799 1.000 12.220 0 19  PRO C O   1 ? 
ATOM   447 C CB  . PRO C 1 19 ? 6.310   0.662   -14.215 1.000 15.203 0 19  PRO C CB  1 ? 
ATOM   448 C CG  . PRO C 1 19 ? 6.497   1.391   -12.951 1.000 15.331 0 19  PRO C CG  1 ? 
ATOM   449 C CD  . PRO C 1 19 ? 6.269   0.368   -11.859 1.000 11.940 0 19  PRO C CD  1 ? 
HETATM 450 N N   . HYP C 1 20 ? 6.144   -2.151  -15.793 1.000 13.866 0 20  HYP C N   1 ? 
HETATM 451 C CA  . HYP C 1 20 ? 7.013   -3.133  -16.421 1.000 13.439 0 20  HYP C CA  1 ? 
HETATM 452 C C   . HYP C 1 20 ? 8.469   -2.722  -16.310 1.000 14.289 0 20  HYP C C   1 ? 
HETATM 453 O O   . HYP C 1 20 ? 8.782   -1.543  -16.258 1.000 14.814 0 20  HYP C O   1 ? 
HETATM 454 C CB  . HYP C 1 20 ? 6.559   -3.132  -17.894 1.000 15.814 0 20  HYP C CB  1 ? 
HETATM 455 C CG  . HYP C 1 20 ? 5.126   -2.657  -17.815 1.000 16.368 0 20  HYP C CG  1 ? 
HETATM 456 C CD  . HYP C 1 20 ? 5.161   -1.587  -16.737 1.000 16.481 0 20  HYP C CD  1 ? 
HETATM 457 O OD1 . HYP C 1 20 ? 4.358   -3.816  -17.493 1.000 20.134 0 20  HYP C OD1 1 ? 
ATOM   458 N N   . GLY C 1 21 ? 9.327   -3.734  -16.321 1.000 14.768 0 21  GLY C N   1 ? 
ATOM   459 C CA  . GLY C 1 21 ? 10.752  -3.510  -16.278 1.000 15.094 0 21  GLY C CA  1 ? 
ATOM   460 C C   . GLY C 1 21 ? 11.251  -2.900  -17.579 1.000 15.990 0 21  GLY C C   1 ? 
ATOM   461 O O   . GLY C 1 21 ? 10.522  -2.808  -18.578 1.000 16.721 0 21  GLY C O   1 ? 
ATOM   462 N N   . PRO C 1 22 ? 12.546  -2.521  -17.562 1.000 18.417 0 22  PRO C N   1 ? 
ATOM   463 C CA  . PRO C 1 22 ? 13.159  -1.949  -18.751 1.000 21.692 0 22  PRO C CA  1 ? 
ATOM   464 C C   . PRO C 1 22 ? 13.380  -3.014  -19.818 1.000 23.749 0 22  PRO C C   1 ? 
ATOM   465 O O   . PRO C 1 22 ? 13.313  -4.218  -19.553 1.000 21.039 0 22  PRO C O   1 ? 
ATOM   466 C CB  . PRO C 1 22 ? 14.463  -1.375  -18.196 1.000 21.504 0 22  PRO C CB  1 ? 
ATOM   467 C CG  . PRO C 1 22 ? 14.800  -2.205  -16.978 1.000 21.912 0 22  PRO C CG  1 ? 
ATOM   468 C CD  . PRO C 1 22 ? 13.453  -2.646  -16.419 1.000 17.798 0 22  PRO C CD  1 ? 
HETATM 469 N N   . HYP C 1 23 ? 13.665  -2.593  -21.063 1.000 26.960 0 23  HYP C N   1 ? 
HETATM 470 C CA  . HYP C 1 23 ? 14.021  -3.540  -22.122 1.000 31.371 0 23  HYP C CA  1 ? 
HETATM 471 C C   . HYP C 1 23 ? 15.228  -4.368  -21.701 1.000 29.793 0 23  HYP C C   1 ? 
HETATM 472 O O   . HYP C 1 23 ? 16.055  -3.934  -20.902 1.000 28.024 0 23  HYP C O   1 ? 
HETATM 473 C CB  . HYP C 1 23 ? 14.386  -2.609  -23.285 1.000 30.724 0 23  HYP C CB  1 ? 
HETATM 474 C CG  . HYP C 1 23 ? 13.645  -1.317  -22.966 1.000 29.598 0 23  HYP C CG  1 ? 
HETATM 475 C CD  . HYP C 1 23 ? 13.807  -1.192  -21.479 1.000 29.939 0 23  HYP C CD  1 ? 
HETATM 476 O OD1 . HYP C 1 23 ? 12.297  -1.506  -23.339 1.000 30.187 0 23  HYP C OD1 1 ? 
ATOM   477 N N   . GLY C 1 24 ? 15.295  -5.599  -22.204 1.000 35.606 0 24  GLY C N   1 ? 
ATOM   478 C CA  . GLY C 1 24 ? 16.431  -6.462  -21.917 1.000 40.791 0 24  GLY C CA  1 ? 
ATOM   479 C C   . GLY C 1 24 ? 17.713  -5.984  -22.609 1.000 43.743 0 24  GLY C C   1 ? 
ATOM   480 O O   . GLY C 1 24 ? 17.712  -4.977  -23.321 1.000 42.397 0 24  GLY C O   1 ? 
ATOM   481 N N   . PRO C 1 25 ? 18.858  -6.684  -22.402 1.000 45.634 0 25  PRO C N   1 ? 
ATOM   482 C CA  . PRO C 1 25 ? 20.125  -6.313  -23.050 1.000 47.100 0 25  PRO C CA  1 ? 
ATOM   483 C C   . PRO C 1 25 ? 20.160  -6.393  -24.580 1.000 49.033 0 25  PRO C C   1 ? 
ATOM   484 O O   . PRO C 1 25 ? 19.218  -6.912  -25.226 1.000 49.497 0 25  PRO C O   1 ? 
ATOM   485 C CB  . PRO C 1 25 ? 21.131  -7.288  -22.400 1.000 47.311 0 25  PRO C CB  1 ? 
ATOM   486 C CG  . PRO C 1 25 ? 20.471  -7.716  -21.109 1.000 46.944 0 25  PRO C CG  1 ? 
ATOM   487 C CD  . PRO C 1 25 ? 19.003  -7.815  -21.474 1.000 44.050 0 25  PRO C CD  1 ? 
HETATM 488 C C1  . GOL D 2 .  ? 3.550   -1.040  6.292   1.000 25.494 0 101 GOL B C1  1 ? 
HETATM 489 O O1  . GOL D 2 .  ? 2.733   -0.380  7.275   1.000 20.001 0 101 GOL B O1  1 ? 
HETATM 490 C C2  . GOL D 2 .  ? 4.726   -0.177  5.854   1.000 26.624 0 101 GOL B C2  1 ? 
HETATM 491 O O2  . GOL D 2 .  ? 5.440   0.237   7.018   1.000 31.370 0 101 GOL B O2  1 ? 
HETATM 492 C C3  . GOL D 2 .  ? 4.346   1.035   5.012   1.000 26.225 0 101 GOL B C3  1 ? 
HETATM 493 O O3  . GOL D 2 .  ? 5.310   2.099   5.030   1.000 26.955 0 101 GOL B O3  1 ? 
HETATM 494 O O   . HOH E 3 .  ? -6.089  10.847  8.749   1.000 34.622 0 101 HOH A O   1 ? 
HETATM 495 O O   . HOH E 3 .  ? -0.684  11.911  1.831   1.000 26.428 0 102 HOH A O   1 ? 
HETATM 496 O O   . HOH E 3 .  ? -12.260 10.187  8.265   1.000 34.508 0 103 HOH A O   1 ? 
HETATM 497 O O   . HOH E 3 .  ? -9.180  7.399   4.453   1.000 31.078 0 104 HOH A O   1 ? 
HETATM 498 O O   . HOH E 3 .  ? -10.786 -1.911  14.837  1.000 24.457 0 105 HOH A O   1 ? 
HETATM 499 O O   . HOH E 3 .  ? 11.652  -5.841  -9.767  1.000 26.045 0 106 HOH A O   1 ? 
HETATM 500 O O   . HOH E 3 .  ? 9.853   3.160   -10.285 1.000 17.047 0 107 HOH A O   1 ? 
HETATM 501 O O   . HOH E 3 .  ? 7.405   3.131   -5.994  1.000 19.883 0 108 HOH A O   1 ? 
HETATM 502 O O   . HOH E 3 .  ? -5.824  7.755   6.712   1.000 22.364 0 109 HOH A O   1 ? 
HETATM 503 O O   . HOH E 3 .  ? 13.301  -11.161 -17.961 1.000 33.674 0 110 HOH A O   1 ? 
HETATM 504 O O   . HOH E 3 .  ? -14.345 -0.772  17.558  1.000 40.383 0 111 HOH A O   1 ? 
HETATM 505 O O   . HOH E 3 .  ? 9.970   2.325   -14.664 1.000 12.621 0 112 HOH A O   1 ? 
HETATM 506 O O   . HOH E 3 .  ? -10.367 1.818   9.672   1.000 14.094 0 113 HOH A O   1 ? 
HETATM 507 O O   . HOH E 3 .  ? -14.387 0.740   19.825  1.000 28.710 0 114 HOH A O   1 ? 
HETATM 508 O O   . HOH E 3 .  ? 7.662   2.651   -8.559  1.000 16.222 0 115 HOH A O   1 ? 
HETATM 509 O O   . HOH E 3 .  ? 0.090   2.615   -5.014  1.000 9.600  0 116 HOH A O   1 ? 
HETATM 510 O O   . HOH E 3 .  ? -7.187  3.257   -2.256  1.000 17.154 0 117 HOH A O   1 ? 
HETATM 511 O O   . HOH E 3 .  ? -12.932 2.639   28.239  1.000 41.817 0 118 HOH A O   1 ? 
HETATM 512 O O   . HOH E 3 .  ? -12.785 6.909   11.665  1.000 24.644 0 119 HOH A O   1 ? 
HETATM 513 O O   . HOH E 3 .  ? 15.949  -9.958  -15.727 1.000 31.267 0 120 HOH A O   1 ? 
HETATM 514 O O   . HOH E 3 .  ? 13.179  -2.487  -9.767  1.000 28.347 0 121 HOH A O   1 ? 
HETATM 515 O O   . HOH E 3 .  ? -4.528  6.343   -0.227  1.000 15.041 0 122 HOH A O   1 ? 
HETATM 516 O O   . HOH E 3 .  ? -12.052 4.942   7.070   1.000 22.256 0 123 HOH A O   1 ? 
HETATM 517 O O   . HOH E 3 .  ? -7.587  5.865   3.189   1.000 24.380 0 124 HOH A O   1 ? 
HETATM 518 O O   . HOH E 3 .  ? -6.278  -2.686  -4.913  1.000 29.794 0 125 HOH A O   1 ? 
HETATM 519 O O   . HOH E 3 .  ? -12.906 -2.945  14.663  1.000 31.820 0 126 HOH A O   1 ? 
HETATM 520 O O   . HOH E 3 .  ? -0.701  5.519   -2.867  1.000 22.116 0 127 HOH A O   1 ? 
HETATM 521 O O   . HOH E 3 .  ? -11.224 9.234   11.818  1.000 29.271 0 128 HOH A O   1 ? 
HETATM 522 O O   . HOH E 3 .  ? -8.977  8.648   2.220   1.000 30.909 0 129 HOH A O   1 ? 
HETATM 523 O O   . HOH E 3 .  ? -14.306 -3.265  16.795  1.000 38.293 0 130 HOH A O   1 ? 
HETATM 524 O O   . HOH E 3 .  ? -4.625  11.658  6.942   1.000 44.651 0 131 HOH A O   1 ? 
HETATM 525 O O   . HOH E 3 .  ? -3.360  8.383   6.901   1.000 22.833 0 132 HOH A O   1 ? 
HETATM 526 O O   . HOH E 3 .  ? -12.097 1.437   7.115   1.000 30.764 0 133 HOH A O   1 ? 
HETATM 527 O O   . HOH E 3 .  ? 14.066  1.627   -11.650 1.000 20.902 0 134 HOH A O   1 ? 
HETATM 528 O O   . HOH E 3 .  ? -11.693 6.086   4.536   1.000 24.391 0 135 HOH A O   1 ? 
HETATM 529 O O   . HOH E 3 .  ? -9.130  -3.139  16.692  1.000 20.401 0 136 HOH A O   1 ? 
HETATM 530 O O   . HOH E 3 .  ? 11.927  4.253   -14.907 1.000 15.969 0 137 HOH A O   1 ? 
HETATM 531 O O   . HOH E 3 .  ? -12.559 -0.128  21.653  1.000 32.966 0 138 HOH A O   1 ? 
HETATM 532 O O   . HOH E 3 .  ? -8.169  2.613   0.221   1.000 15.075 0 139 HOH A O   1 ? 
HETATM 533 O O   . HOH E 3 .  ? -14.017 -1.612  23.539  1.000 28.689 0 140 HOH A O   1 ? 
HETATM 534 O O   . HOH E 3 .  ? -11.823 -2.542  19.965  1.000 28.471 0 141 HOH A O   1 ? 
HETATM 535 O O   . HOH F 3 .  ? -15.185 7.757   12.741  1.000 35.083 0 201 HOH B O   1 ? 
HETATM 536 O O   . HOH F 3 .  ? 4.626   0.522   10.881  1.000 25.664 0 202 HOH B O   1 ? 
HETATM 537 O O   . HOH F 3 .  ? 2.444   -1.924  9.400   1.000 21.418 0 203 HOH B O   1 ? 
HETATM 538 O O   . HOH F 3 .  ? 7.454   -9.402  -11.475 1.000 31.041 0 204 HOH B O   1 ? 
HETATM 539 O O   . HOH F 3 .  ? 4.722   -5.153  7.579   1.000 14.857 0 205 HOH B O   1 ? 
HETATM 540 O O   . HOH F 3 .  ? 7.029   -3.738  5.138   1.000 16.620 0 206 HOH B O   1 ? 
HETATM 541 O O   . HOH F 3 .  ? 6.150   -2.969  1.622   1.000 11.055 0 207 HOH B O   1 ? 
HETATM 542 O O   . HOH F 3 .  ? 3.273   -7.503  -11.350 1.000 24.182 0 208 HOH B O   1 ? 
HETATM 543 O O   . HOH F 3 .  ? -2.875  -10.051 -3.686  1.000 11.591 0 209 HOH B O   1 ? 
HETATM 544 O O   . HOH F 3 .  ? -1.857  5.981   6.767   1.000 12.636 0 210 HOH B O   1 ? 
HETATM 545 O O   . HOH F 3 .  ? -1.061  4.685   12.363  1.000 21.903 0 211 HOH B O   1 ? 
HETATM 546 O O   . HOH F 3 .  ? 6.431   -9.160  -19.050 1.000 26.197 0 212 HOH B O   1 ? 
HETATM 547 O O   . HOH F 3 .  ? 6.975   -4.944  -2.938  1.000 19.195 0 213 HOH B O   1 ? 
HETATM 548 O O   . HOH F 3 .  ? -8.573  8.475   12.217  1.000 15.430 0 214 HOH B O   1 ? 
HETATM 549 O O   . HOH F 3 .  ? -20.460 2.248   21.739  1.000 33.595 0 215 HOH B O   1 ? 
HETATM 550 O O   . HOH F 3 .  ? 5.403   4.804   5.670   1.000 15.287 0 216 HOH B O   1 ? 
HETATM 551 O O   . HOH F 3 .  ? 1.365   7.486   -1.358  1.000 27.470 0 217 HOH B O   1 ? 
HETATM 552 O O   . HOH F 3 .  ? 6.933   -5.855  -20.572 1.000 33.758 0 218 HOH B O   1 ? 
HETATM 553 O O   . HOH F 3 .  ? -1.672  -1.793  11.002  1.000 19.699 0 219 HOH B O   1 ? 
HETATM 554 O O   . HOH F 3 .  ? 1.036   -12.097 -2.153  1.000 23.204 0 220 HOH B O   1 ? 
HETATM 555 O O   . HOH F 3 .  ? 3.993   1.755   0.966   1.000 10.383 0 221 HOH B O   1 ? 
HETATM 556 O O   . HOH F 3 .  ? 2.639   2.869   13.728  1.000 27.112 0 222 HOH B O   1 ? 
HETATM 557 O O   . HOH F 3 .  ? -0.972  -3.172  2.900   1.000 10.008 0 223 HOH B O   1 ? 
HETATM 558 O O   . HOH F 3 .  ? 12.402  -11.871 -15.540 1.000 37.779 0 224 HOH B O   1 ? 
HETATM 559 O O   . HOH F 3 .  ? 4.444   -9.279  -9.041  1.000 30.068 0 225 HOH B O   1 ? 
HETATM 560 O O   . HOH F 3 .  ? 4.631   2.200   9.078   1.000 22.304 0 226 HOH B O   1 ? 
HETATM 561 O O   . HOH F 3 .  ? 2.463   3.867   8.614   1.000 13.140 0 227 HOH B O   1 ? 
HETATM 562 O O   . HOH F 3 .  ? 11.942  2.087   -7.208  1.000 22.308 0 228 HOH B O   1 ? 
HETATM 563 O O   . HOH F 3 .  ? 10.860  -1.450  -1.229  1.000 28.285 0 229 HOH B O   1 ? 
HETATM 564 O O   . HOH F 3 .  ? 12.852  0.408   -5.724  1.000 22.054 0 230 HOH B O   1 ? 
HETATM 565 O O   . HOH F 3 .  ? -9.209  10.767  14.979  1.000 39.016 0 231 HOH B O   1 ? 
HETATM 566 O O   . HOH F 3 .  ? -7.165  9.087   18.448  1.000 35.735 0 232 HOH B O   1 ? 
HETATM 567 O O   . HOH F 3 .  ? 12.490  1.237   -1.623  1.000 27.348 0 233 HOH B O   1 ? 
HETATM 568 O O   . HOH F 3 .  ? -6.524  11.771  13.481  1.000 44.466 0 234 HOH B O   1 ? 
HETATM 569 O O   . HOH F 3 .  ? 8.866   4.229   -3.899  1.000 24.119 0 235 HOH B O   1 ? 
HETATM 570 O O   . HOH F 3 .  ? 8.732   2.557   -1.449  1.000 29.988 0 236 HOH B O   1 ? 
HETATM 571 O O   . HOH F 3 .  ? 11.788  -3.222  -2.519  1.000 40.911 0 237 HOH B O   1 ? 
HETATM 572 O O   . HOH F 3 .  ? 11.409  3.248   -2.738  1.000 36.692 0 238 HOH B O   1 ? 
HETATM 573 O O   . HOH F 3 .  ? 10.810  -12.776 -18.138 1.000 44.367 0 239 HOH B O   1 ? 
HETATM 574 O O   . HOH F 3 .  ? -1.136  7.322   14.212  1.000 46.856 0 240 HOH B O   1 ? 
HETATM 575 O O   . HOH F 3 .  ? 4.388   -9.796  -12.258 1.000 31.937 0 241 HOH B O   1 ? 
HETATM 576 O O   . HOH F 3 .  ? 0.887   7.011   6.494   1.000 20.345 0 242 HOH B O   1 ? 
HETATM 577 O O   . HOH F 3 .  ? 7.683   -0.869  2.265   1.000 18.195 0 243 HOH B O   1 ? 
HETATM 578 O O   . HOH F 3 .  ? -2.944  10.636  8.623   1.000 34.233 0 244 HOH B O   1 ? 
HETATM 579 O O   . HOH F 3 .  ? 1.140   5.294   10.799  1.000 20.055 0 245 HOH B O   1 ? 
HETATM 580 O O   . HOH F 3 .  ? 1.047   -7.531  -9.706  1.000 35.165 0 246 HOH B O   1 ? 
HETATM 581 O O   . HOH F 3 .  ? 3.371   6.002   7.290   1.000 14.308 0 247 HOH B O   1 ? 
HETATM 582 O O   . HOH F 3 .  ? 9.537   -4.495  -3.599  1.000 30.537 0 248 HOH B O   1 ? 
HETATM 583 O O   . HOH F 3 .  ? 1.323   -6.461  -12.864 1.000 19.618 0 249 HOH B O   1 ? 
HETATM 584 O O   . HOH F 3 .  ? 6.882   -9.865  -4.803  1.000 36.469 0 250 HOH B O   1 ? 
HETATM 585 O O   . HOH F 3 .  ? 3.223   5.281   12.487  1.000 18.458 0 251 HOH B O   1 ? 
HETATM 586 O O   . HOH F 3 .  ? 9.823   -1.406  0.723   1.000 41.982 0 252 HOH B O   1 ? 
HETATM 587 O O   . HOH G 3 .  ? 12.294  -2.048  -25.797 1.000 33.869 0 101 HOH C O   1 ? 
HETATM 588 O O   . HOH G 3 .  ? -7.368  4.110   -5.711  1.000 18.832 0 102 HOH C O   1 ? 
HETATM 589 O O   . HOH G 3 .  ? -8.545  -4.172  -1.963  1.000 26.862 0 103 HOH C O   1 ? 
HETATM 590 O O   . HOH G 3 .  ? -9.922  -4.421  9.880   1.000 13.049 0 104 HOH C O   1 ? 
HETATM 591 O O   . HOH G 3 .  ? 1.909   -3.773  -13.271 1.000 19.180 0 105 HOH C O   1 ? 
HETATM 592 O O   . HOH G 3 .  ? 2.212   -4.564  9.040   1.000 17.833 0 106 HOH C O   1 ? 
HETATM 593 O O   . HOH G 3 .  ? -8.336  0.104   -7.197  1.000 17.575 0 107 HOH C O   1 ? 
HETATM 594 O O   . HOH G 3 .  ? 10.824  0.241   -16.256 1.000 15.536 0 108 HOH C O   1 ? 
HETATM 595 O O   . HOH G 3 .  ? 0.423   -1.181  -12.332 1.000 26.019 0 109 HOH C O   1 ? 
HETATM 596 O O   . HOH G 3 .  ? -10.086 3.048   23.972  1.000 33.360 0 110 HOH C O   1 ? 
HETATM 597 O O   . HOH G 3 .  ? 0.527   -4.543  -5.805  1.000 10.218 0 111 HOH C O   1 ? 
HETATM 598 O O   . HOH G 3 .  ? -6.973  -2.595  -2.921  1.000 39.154 0 112 HOH C O   1 ? 
HETATM 599 O O   . HOH G 3 .  ? -4.425  -4.284  -1.112  1.000 31.248 0 113 HOH C O   1 ? 
HETATM 600 O O   . HOH G 3 .  ? 4.238   -5.841  -19.414 1.000 32.465 0 114 HOH C O   1 ? 
HETATM 601 O O   . HOH G 3 .  ? -1.475  4.106   16.470  1.000 27.470 0 115 HOH C O   1 ? 
HETATM 602 O O   . HOH G 3 .  ? -6.821  -1.442  15.534  1.000 18.363 0 116 HOH C O   1 ? 
HETATM 603 O O   . HOH G 3 .  ? 7.788   0.640   -17.794 1.000 40.226 0 117 HOH C O   1 ? 
HETATM 604 O O   . HOH G 3 .  ? -9.097  -0.977  12.866  1.000 18.782 0 118 HOH C O   1 ? 
HETATM 605 O O   . HOH G 3 .  ? -5.765  2.283   1.663   1.000 9.466  0 119 HOH C O   1 ? 
HETATM 606 O O   . HOH G 3 .  ? -9.799  -4.431  0.821   1.000 22.254 0 120 HOH C O   1 ? 
HETATM 607 O O   . HOH G 3 .  ? -5.301  -3.452  9.910   1.000 12.805 0 121 HOH C O   1 ? 
HETATM 608 O O   . HOH G 3 .  ? -2.956  -3.216  -5.079  1.000 24.088 0 122 HOH C O   1 ? 
HETATM 609 O O   . HOH G 3 .  ? -12.519 -1.041  8.138   1.000 30.819 0 123 HOH C O   1 ? 
HETATM 610 O O   . HOH G 3 .  ? -11.002 -0.256  11.178  1.000 22.605 0 124 HOH C O   1 ? 
HETATM 611 O O   . HOH G 3 .  ? 12.018  1.104   -18.714 1.000 28.358 0 125 HOH C O   1 ? 
HETATM 612 O O   . HOH G 3 .  ? -10.288 0.899   22.249  1.000 31.224 0 126 HOH C O   1 ? 
HETATM 613 O O   . HOH G 3 .  ? -8.087  -3.159  11.517  1.000 24.828 0 127 HOH C O   1 ? 
HETATM 614 O O   . HOH G 3 .  ? -6.319  1.891   21.443  1.000 39.529 0 128 HOH C O   1 ? 
HETATM 615 O O   . HOH G 3 .  ? -5.860  8.262   20.427  1.000 40.003 0 129 HOH C O   1 ? 
HETATM 616 O O   . HOH G 3 .  ? -2.018  -5.868  -5.899  1.000 27.073 0 130 HOH C O   1 ? 
HETATM 617 O O   . HOH G 3 .  ? -13.489 -2.005  10.268  1.000 22.272 0 131 HOH C O   1 ? 
HETATM 618 O O   . HOH G 3 .  ? -2.666  -4.088  10.867  1.000 24.103 0 132 HOH C O   1 ? 
# 
